data_1WUR
#
_entry.id   1WUR
#
_cell.length_a   160.570
_cell.length_b   110.560
_cell.length_c   70.530
_cell.angle_alpha   90.00
_cell.angle_beta   105.78
_cell.angle_gamma   90.00
#
_symmetry.space_group_name_H-M   'C 1 2 1'
#
loop_
_entity.id
_entity.type
_entity.pdbx_description
1 polymer 'GTP cyclohydrolase I'
2 non-polymer 'ZINC ION'
3 non-polymer "8-OXO-2'-DEOXYGUANOSINE-5'-TRIPHOSPHATE"
4 water water
#
_entity_poly.entity_id   1
_entity_poly.type   'polypeptide(L)'
_entity_poly.pdbx_seq_one_letter_code
;MSPGPQSGGQERGSMERKMVELEDTGLTFATEVDLERLQALAAEWLQVIGEDPGREGLLKTPERVAKAWAFLTRGYRQRL
EEVVGGAVFPAEGSEMVVVKGVEFYSMCEHHLLPFFGKVHIGYIPDGKILGLSKFARIVDMFARRLQVQERLAVQIAEAI
QEVLEPQGVGVVVEGVHLCMMMRGVEKQHSRTVTSAMLGVFRENQKTREEFLSHLRDGTA
;
_entity_poly.pdbx_strand_id   A,B,C,D,E
#
loop_
_chem_comp.id
_chem_comp.type
_chem_comp.name
_chem_comp.formula
8DG non-polymer 8-OXO-2'-DEOXYGUANOSINE-5'-TRIPHOSPHATE 'C10 H16 N5 O14 P3'
ZN non-polymer 'ZINC ION' 'Zn 2'
#
# COMPACT_ATOMS: atom_id res chain seq x y z
N GLU A 32 -1.27 46.01 -12.01
CA GLU A 32 -2.25 45.81 -10.91
C GLU A 32 -3.66 45.63 -11.47
N VAL A 33 -4.48 44.88 -10.73
CA VAL A 33 -5.85 44.59 -11.14
C VAL A 33 -6.83 45.72 -10.78
N ASP A 34 -7.68 46.09 -11.75
CA ASP A 34 -8.68 47.13 -11.57
C ASP A 34 -9.88 46.56 -10.78
N LEU A 35 -9.82 46.65 -9.47
CA LEU A 35 -10.87 46.14 -8.59
C LEU A 35 -12.24 46.75 -8.85
N GLU A 36 -12.25 48.04 -9.20
CA GLU A 36 -13.50 48.74 -9.47
C GLU A 36 -14.24 48.13 -10.66
N ARG A 37 -13.50 47.81 -11.73
CA ARG A 37 -14.11 47.22 -12.91
C ARG A 37 -14.59 45.80 -12.60
N LEU A 38 -13.80 45.06 -11.81
CA LEU A 38 -14.18 43.71 -11.43
C LEU A 38 -15.48 43.75 -10.64
N GLN A 39 -15.61 44.73 -9.74
CA GLN A 39 -16.82 44.88 -8.93
C GLN A 39 -18.02 45.15 -9.82
N ALA A 40 -17.84 46.01 -10.83
CA ALA A 40 -18.90 46.35 -11.76
C ALA A 40 -19.34 45.12 -12.54
N LEU A 41 -18.37 44.34 -13.00
CA LEU A 41 -18.66 43.14 -13.76
C LEU A 41 -19.37 42.09 -12.91
N ALA A 42 -18.94 41.94 -11.66
CA ALA A 42 -19.54 40.99 -10.73
C ALA A 42 -20.97 41.40 -10.40
N ALA A 43 -21.19 42.70 -10.20
CA ALA A 43 -22.52 43.23 -9.90
C ALA A 43 -23.47 42.89 -11.05
N GLU A 44 -22.99 43.06 -12.28
CA GLU A 44 -23.80 42.77 -13.45
C GLU A 44 -24.00 41.26 -13.60
N TRP A 45 -22.98 40.49 -13.22
CA TRP A 45 -23.06 39.03 -13.29
C TRP A 45 -24.25 38.54 -12.46
N LEU A 46 -24.35 39.08 -11.24
CA LEU A 46 -25.42 38.73 -10.32
C LEU A 46 -26.81 38.96 -10.90
N GLN A 47 -27.00 40.07 -11.60
CA GLN A 47 -28.32 40.34 -12.18
C GLN A 47 -28.61 39.46 -13.39
N VAL A 48 -27.60 39.17 -14.19
CA VAL A 48 -27.79 38.34 -15.38
C VAL A 48 -28.17 36.90 -15.03
N ILE A 49 -27.62 36.36 -13.94
CA ILE A 49 -27.95 34.99 -13.52
C ILE A 49 -29.31 34.89 -12.83
N GLY A 50 -29.96 36.02 -12.62
CA GLY A 50 -31.27 36.02 -12.00
C GLY A 50 -31.35 36.38 -10.52
N GLU A 51 -30.24 36.86 -9.95
CA GLU A 51 -30.22 37.23 -8.55
C GLU A 51 -30.50 38.71 -8.33
N ASP A 52 -30.63 39.10 -7.06
CA ASP A 52 -30.90 40.47 -6.70
C ASP A 52 -29.64 41.08 -6.06
N PRO A 53 -28.89 41.90 -6.83
CA PRO A 53 -27.67 42.56 -6.36
C PRO A 53 -27.93 43.48 -5.18
N GLY A 54 -29.19 43.84 -4.99
CA GLY A 54 -29.56 44.72 -3.90
C GLY A 54 -29.91 44.07 -2.58
N ARG A 55 -30.11 42.75 -2.57
CA ARG A 55 -30.45 42.07 -1.32
C ARG A 55 -29.27 42.04 -0.36
N GLU A 56 -29.59 42.12 0.93
CA GLU A 56 -28.60 42.15 2.01
C GLU A 56 -27.34 41.29 1.86
N GLY A 57 -27.51 39.99 1.61
CA GLY A 57 -26.38 39.09 1.47
C GLY A 57 -25.48 39.25 0.26
N LEU A 58 -25.95 39.97 -0.76
CA LEU A 58 -25.16 40.17 -1.97
C LEU A 58 -24.56 41.56 -2.11
N LEU A 59 -24.93 42.47 -1.21
CA LEU A 59 -24.43 43.84 -1.26
C LEU A 59 -22.90 43.99 -1.30
N LYS A 60 -22.21 43.21 -0.47
CA LYS A 60 -20.74 43.25 -0.41
C LYS A 60 -20.07 42.23 -1.32
N THR A 61 -20.88 41.41 -1.99
CA THR A 61 -20.37 40.37 -2.87
C THR A 61 -19.47 40.84 -4.02
N PRO A 62 -19.87 41.85 -4.79
CA PRO A 62 -19.01 42.31 -5.88
C PRO A 62 -17.62 42.68 -5.38
N GLU A 63 -17.56 43.33 -4.22
CA GLU A 63 -16.31 43.74 -3.58
C GLU A 63 -15.50 42.52 -3.15
N ARG A 64 -16.16 41.56 -2.51
CA ARG A 64 -15.52 40.33 -2.05
C ARG A 64 -14.97 39.51 -3.24
N VAL A 65 -15.78 39.39 -4.28
CA VAL A 65 -15.38 38.65 -5.49
C VAL A 65 -14.17 39.30 -6.17
N ALA A 66 -14.21 40.63 -6.29
CA ALA A 66 -13.13 41.38 -6.92
C ALA A 66 -11.80 41.13 -6.21
N LYS A 67 -11.81 41.24 -4.88
CA LYS A 67 -10.60 41.02 -4.08
C LYS A 67 -10.13 39.57 -4.17
N ALA A 68 -11.10 38.65 -4.18
CA ALA A 68 -10.78 37.22 -4.25
C ALA A 68 -10.04 36.88 -5.54
N TRP A 69 -10.55 37.38 -6.67
CA TRP A 69 -9.92 37.11 -7.96
C TRP A 69 -8.56 37.78 -8.14
N ALA A 70 -8.35 38.92 -7.49
CA ALA A 70 -7.06 39.60 -7.58
C ALA A 70 -6.04 38.68 -6.89
N PHE A 71 -6.46 38.09 -5.77
CA PHE A 71 -5.61 37.17 -5.01
C PHE A 71 -5.38 35.86 -5.79
N LEU A 72 -6.46 35.33 -6.35
CA LEU A 72 -6.39 34.08 -7.11
C LEU A 72 -5.57 34.15 -8.39
N THR A 73 -5.26 35.37 -8.84
CA THR A 73 -4.47 35.55 -10.05
C THR A 73 -3.17 36.30 -9.74
N ARG A 74 -2.84 36.43 -8.46
CA ARG A 74 -1.64 37.15 -8.04
C ARG A 74 -0.34 36.50 -8.54
N GLY A 75 -0.41 35.23 -8.90
CA GLY A 75 0.76 34.51 -9.39
C GLY A 75 1.37 35.08 -10.66
N TYR A 76 0.54 35.71 -11.50
CA TYR A 76 1.00 36.31 -12.75
C TYR A 76 1.95 37.46 -12.46
N ARG A 77 1.69 38.18 -11.38
CA ARG A 77 2.45 39.35 -10.97
C ARG A 77 3.62 39.11 -10.03
N GLN A 78 3.99 37.85 -9.83
CA GLN A 78 5.10 37.51 -8.96
C GLN A 78 6.38 37.23 -9.75
N ARG A 79 7.51 37.45 -9.10
CA ARG A 79 8.82 37.22 -9.71
C ARG A 79 9.52 36.06 -9.02
N LEU A 80 9.99 35.10 -9.80
CA LEU A 80 10.67 33.92 -9.28
C LEU A 80 11.84 34.28 -8.35
N GLU A 81 12.57 35.33 -8.69
CA GLU A 81 13.69 35.78 -7.89
C GLU A 81 13.25 36.24 -6.50
N GLU A 82 12.14 36.98 -6.43
CA GLU A 82 11.62 37.47 -5.15
C GLU A 82 10.99 36.33 -4.34
N VAL A 83 10.35 35.40 -5.04
CA VAL A 83 9.71 34.25 -4.41
C VAL A 83 10.73 33.35 -3.71
N VAL A 84 11.88 33.14 -4.35
CA VAL A 84 12.94 32.31 -3.78
C VAL A 84 13.62 33.03 -2.63
N GLY A 85 13.73 34.35 -2.74
CA GLY A 85 14.35 35.17 -1.70
C GLY A 85 15.79 34.81 -1.37
N GLY A 86 16.52 34.29 -2.35
CA GLY A 86 17.91 33.92 -2.15
C GLY A 86 18.12 32.80 -1.14
N ALA A 87 17.06 32.05 -0.84
CA ALA A 87 17.15 30.94 0.11
C ALA A 87 17.68 29.69 -0.57
N VAL A 88 18.89 29.80 -1.11
CA VAL A 88 19.56 28.71 -1.79
C VAL A 88 20.80 28.45 -0.95
N PHE A 89 20.99 27.20 -0.53
CA PHE A 89 22.12 26.85 0.32
C PHE A 89 23.02 25.78 -0.28
N PRO A 90 24.24 25.61 0.28
CA PRO A 90 25.16 24.60 -0.23
C PRO A 90 24.58 23.23 0.06
N ALA A 91 24.70 22.31 -0.89
CA ALA A 91 24.19 20.95 -0.72
C ALA A 91 24.91 20.25 0.42
N GLU A 92 24.18 19.42 1.15
CA GLU A 92 24.71 18.68 2.28
C GLU A 92 25.09 17.26 1.87
N GLY A 93 24.51 16.81 0.77
CA GLY A 93 24.77 15.47 0.26
C GLY A 93 24.41 15.35 -1.20
N SER A 94 24.45 14.13 -1.73
CA SER A 94 24.15 13.90 -3.13
C SER A 94 22.82 13.18 -3.39
N GLU A 95 22.12 12.82 -2.32
CA GLU A 95 20.86 12.10 -2.48
C GLU A 95 19.66 12.97 -2.82
N MET A 96 18.65 12.32 -3.35
CA MET A 96 17.41 12.96 -3.75
C MET A 96 16.71 13.58 -2.53
N VAL A 97 16.12 14.75 -2.75
CA VAL A 97 15.35 15.43 -1.71
C VAL A 97 13.92 15.39 -2.26
N VAL A 98 12.97 14.96 -1.44
CA VAL A 98 11.57 14.87 -1.87
C VAL A 98 10.68 15.68 -0.94
N VAL A 99 10.01 16.68 -1.49
CA VAL A 99 9.08 17.50 -0.71
C VAL A 99 7.71 17.11 -1.22
N LYS A 100 6.99 16.31 -0.44
CA LYS A 100 5.68 15.88 -0.90
C LYS A 100 4.50 16.49 -0.18
N GLY A 101 3.33 16.33 -0.80
CA GLY A 101 2.10 16.83 -0.22
C GLY A 101 1.93 18.32 -0.08
N VAL A 102 2.50 19.10 -0.99
CA VAL A 102 2.33 20.55 -0.94
C VAL A 102 0.96 20.82 -1.55
N GLU A 103 -0.03 21.11 -0.73
CA GLU A 103 -1.37 21.37 -1.25
C GLU A 103 -1.38 22.61 -2.13
N PHE A 104 -2.21 22.56 -3.18
CA PHE A 104 -2.34 23.68 -4.09
C PHE A 104 -3.80 23.86 -4.51
N TYR A 105 -4.12 25.06 -4.98
CA TYR A 105 -5.45 25.38 -5.45
C TYR A 105 -5.23 26.23 -6.69
N SER A 106 -5.95 25.91 -7.75
CA SER A 106 -5.84 26.67 -8.99
C SER A 106 -7.23 26.83 -9.62
N MET A 107 -7.28 27.46 -10.79
CA MET A 107 -8.52 27.69 -11.52
C MET A 107 -8.30 27.18 -12.93
N CYS A 108 -9.16 26.30 -13.42
CA CYS A 108 -8.97 25.80 -14.78
C CYS A 108 -9.29 26.93 -15.76
N GLU A 109 -8.40 27.14 -16.73
CA GLU A 109 -8.60 28.19 -17.71
C GLU A 109 -9.80 27.95 -18.62
N HIS A 110 -10.27 26.70 -18.67
CA HIS A 110 -11.40 26.35 -19.52
C HIS A 110 -12.79 26.70 -18.98
N HIS A 111 -12.97 26.59 -17.67
CA HIS A 111 -14.27 26.88 -17.06
C HIS A 111 -14.23 27.88 -15.92
N LEU A 112 -13.03 28.29 -15.53
CA LEU A 112 -12.85 29.22 -14.42
C LEU A 112 -13.42 28.64 -13.13
N LEU A 113 -13.23 27.33 -12.95
CA LEU A 113 -13.67 26.62 -11.76
C LEU A 113 -12.42 26.03 -11.11
N PRO A 114 -12.39 25.96 -9.78
CA PRO A 114 -11.23 25.43 -9.08
C PRO A 114 -10.86 23.97 -9.31
N PHE A 115 -9.56 23.72 -9.32
CA PHE A 115 -9.02 22.35 -9.37
C PHE A 115 -7.94 22.43 -8.30
N PHE A 116 -7.85 21.39 -7.48
CA PHE A 116 -6.91 21.41 -6.38
C PHE A 116 -6.45 20.03 -5.97
N GLY A 117 -5.39 20.00 -5.16
CA GLY A 117 -4.85 18.73 -4.71
C GLY A 117 -3.48 18.94 -4.10
N LYS A 118 -2.51 18.14 -4.53
CA LYS A 118 -1.18 18.23 -3.99
C LYS A 118 -0.10 18.15 -5.06
N VAL A 119 1.04 18.76 -4.74
CA VAL A 119 2.21 18.76 -5.62
C VAL A 119 3.33 18.09 -4.85
N HIS A 120 4.04 17.18 -5.54
CA HIS A 120 5.15 16.45 -4.95
C HIS A 120 6.37 16.81 -5.78
N ILE A 121 7.44 17.22 -5.10
CA ILE A 121 8.65 17.62 -5.79
C ILE A 121 9.86 16.80 -5.39
N GLY A 122 10.65 16.41 -6.37
CA GLY A 122 11.86 15.64 -6.09
C GLY A 122 13.00 16.17 -6.93
N TYR A 123 14.19 16.26 -6.34
CA TYR A 123 15.36 16.71 -7.10
C TYR A 123 16.66 16.21 -6.50
N ILE A 124 17.69 16.20 -7.35
CA ILE A 124 19.03 15.80 -6.94
C ILE A 124 19.88 17.05 -7.15
N PRO A 125 20.44 17.57 -6.06
CA PRO A 125 21.28 18.77 -6.08
C PRO A 125 22.55 18.67 -6.89
N ASP A 126 23.05 19.83 -7.31
CA ASP A 126 24.31 19.93 -8.02
C ASP A 126 24.99 21.11 -7.35
N GLY A 127 25.31 20.92 -6.07
CA GLY A 127 25.96 21.96 -5.30
C GLY A 127 25.01 22.88 -4.54
N LYS A 128 23.73 22.89 -4.91
CA LYS A 128 22.77 23.78 -4.24
C LYS A 128 21.41 23.16 -3.90
N ILE A 129 20.93 23.44 -2.69
CA ILE A 129 19.62 22.96 -2.24
C ILE A 129 18.77 24.19 -1.98
N LEU A 130 17.46 24.04 -2.05
CA LEU A 130 16.53 25.15 -1.85
C LEU A 130 15.84 25.09 -0.49
N GLY A 131 15.57 26.26 0.09
CA GLY A 131 14.87 26.30 1.35
C GLY A 131 13.55 25.60 1.10
N LEU A 132 13.17 24.66 1.97
CA LEU A 132 11.95 23.88 1.78
C LEU A 132 10.67 24.66 1.48
N SER A 133 10.45 25.75 2.21
CA SER A 133 9.25 26.57 2.00
C SER A 133 9.18 27.23 0.63
N LYS A 134 10.33 27.47 0.01
CA LYS A 134 10.33 28.11 -1.31
C LYS A 134 9.68 27.23 -2.37
N PHE A 135 9.64 25.92 -2.14
CA PHE A 135 8.99 25.01 -3.08
C PHE A 135 7.49 25.31 -3.06
N ALA A 136 6.98 25.58 -1.87
CA ALA A 136 5.56 25.91 -1.69
C ALA A 136 5.25 27.26 -2.31
N ARG A 137 6.16 28.21 -2.14
CA ARG A 137 5.98 29.54 -2.71
C ARG A 137 6.00 29.50 -4.25
N ILE A 138 6.81 28.61 -4.81
CA ILE A 138 6.88 28.47 -6.26
C ILE A 138 5.57 27.84 -6.76
N VAL A 139 5.08 26.84 -6.03
CA VAL A 139 3.83 26.17 -6.37
C VAL A 139 2.69 27.20 -6.43
N ASP A 140 2.58 28.02 -5.39
CA ASP A 140 1.53 29.04 -5.32
C ASP A 140 1.64 30.08 -6.43
N MET A 141 2.88 30.40 -6.83
CA MET A 141 3.12 31.38 -7.87
C MET A 141 2.50 30.95 -9.20
N PHE A 142 2.63 29.66 -9.50
CA PHE A 142 2.07 29.13 -10.74
C PHE A 142 0.63 28.62 -10.61
N ALA A 143 0.21 28.29 -9.40
CA ALA A 143 -1.15 27.81 -9.18
C ALA A 143 -2.15 28.97 -9.15
N ARG A 144 -1.72 30.13 -8.65
CA ARG A 144 -2.59 31.30 -8.57
C ARG A 144 -2.66 32.04 -9.90
N ARG A 145 -3.19 31.34 -10.89
CA ARG A 145 -3.34 31.80 -12.27
C ARG A 145 -4.40 30.90 -12.88
N LEU A 146 -4.77 31.18 -14.13
CA LEU A 146 -5.69 30.32 -14.87
C LEU A 146 -4.72 29.27 -15.41
N GLN A 147 -5.07 28.01 -15.25
CA GLN A 147 -4.15 26.94 -15.65
C GLN A 147 -4.78 25.69 -16.25
N VAL A 148 -3.91 24.80 -16.70
CA VAL A 148 -4.26 23.46 -17.17
C VAL A 148 -3.24 22.65 -16.34
N GLN A 149 -3.69 21.58 -15.68
CA GLN A 149 -2.80 20.82 -14.81
C GLN A 149 -1.49 20.33 -15.45
N GLU A 150 -1.54 20.01 -16.73
CA GLU A 150 -0.35 19.56 -17.46
C GLU A 150 0.73 20.63 -17.47
N ARG A 151 0.31 21.89 -17.60
CA ARG A 151 1.23 23.02 -17.63
C ARG A 151 1.78 23.36 -16.25
N LEU A 152 0.90 23.29 -15.25
CA LEU A 152 1.26 23.60 -13.88
C LEU A 152 2.48 22.78 -13.42
N ALA A 153 2.49 21.50 -13.77
CA ALA A 153 3.59 20.61 -13.39
C ALA A 153 4.90 21.05 -14.07
N VAL A 154 4.80 21.35 -15.36
CA VAL A 154 5.95 21.78 -16.17
C VAL A 154 6.55 23.08 -15.67
N GLN A 155 5.71 24.08 -15.44
CA GLN A 155 6.20 25.38 -14.98
C GLN A 155 6.86 25.32 -13.61
N ILE A 156 6.31 24.49 -12.71
CA ILE A 156 6.90 24.35 -11.38
C ILE A 156 8.28 23.71 -11.53
N ALA A 157 8.36 22.65 -12.34
CA ALA A 157 9.63 21.95 -12.57
C ALA A 157 10.68 22.85 -13.22
N GLU A 158 10.26 23.67 -14.19
CA GLU A 158 11.19 24.58 -14.88
C GLU A 158 11.68 25.68 -13.95
N ALA A 159 10.82 26.13 -13.05
CA ALA A 159 11.18 27.18 -12.10
C ALA A 159 12.28 26.68 -11.15
N ILE A 160 12.12 25.44 -10.68
CA ILE A 160 13.09 24.82 -9.77
C ILE A 160 14.42 24.61 -10.50
N GLN A 161 14.34 24.13 -11.74
CA GLN A 161 15.51 23.89 -12.57
C GLN A 161 16.32 25.18 -12.75
N GLU A 162 15.61 26.28 -12.98
CA GLU A 162 16.24 27.59 -13.18
C GLU A 162 16.92 28.12 -11.91
N VAL A 163 16.22 27.99 -10.77
CA VAL A 163 16.73 28.47 -9.49
C VAL A 163 17.90 27.69 -8.92
N LEU A 164 17.88 26.38 -9.08
CA LEU A 164 18.93 25.53 -8.54
C LEU A 164 19.91 24.89 -9.51
N GLU A 165 19.52 24.78 -10.78
CA GLU A 165 20.35 24.13 -11.79
C GLU A 165 20.79 22.78 -11.22
N PRO A 166 19.83 21.97 -10.75
CA PRO A 166 20.13 20.66 -10.18
C PRO A 166 20.45 19.64 -11.24
N GLN A 167 20.87 18.45 -10.82
CA GLN A 167 21.16 17.37 -11.75
C GLN A 167 19.85 16.97 -12.43
N GLY A 168 18.74 17.14 -11.72
CA GLY A 168 17.44 16.80 -12.26
C GLY A 168 16.34 17.15 -11.28
N VAL A 169 15.12 17.27 -11.79
CA VAL A 169 13.97 17.59 -10.96
C VAL A 169 12.73 16.91 -11.51
N GLY A 170 11.87 16.45 -10.60
CA GLY A 170 10.64 15.79 -10.99
C GLY A 170 9.51 16.41 -10.20
N VAL A 171 8.40 16.71 -10.88
CA VAL A 171 7.24 17.31 -10.22
C VAL A 171 6.00 16.52 -10.61
N VAL A 172 5.24 16.11 -9.60
CA VAL A 172 4.01 15.35 -9.81
C VAL A 172 2.86 16.15 -9.20
N VAL A 173 1.81 16.39 -9.99
CA VAL A 173 0.65 17.13 -9.50
C VAL A 173 -0.54 16.17 -9.56
N GLU A 174 -1.27 16.08 -8.46
CA GLU A 174 -2.45 15.22 -8.43
C GLU A 174 -3.60 16.07 -7.94
N GLY A 175 -4.66 16.16 -8.73
CA GLY A 175 -5.78 16.97 -8.30
C GLY A 175 -7.14 16.54 -8.76
N VAL A 176 -8.15 17.15 -8.16
CA VAL A 176 -9.54 16.91 -8.50
C VAL A 176 -9.99 18.19 -9.18
N HIS A 177 -10.86 18.06 -10.18
CA HIS A 177 -11.35 19.21 -10.93
C HIS A 177 -12.85 19.39 -10.76
N LEU A 178 -13.23 20.51 -10.17
CA LEU A 178 -14.65 20.79 -9.97
C LEU A 178 -15.45 20.89 -11.26
N CYS A 179 -14.78 21.23 -12.37
CA CYS A 179 -15.50 21.34 -13.64
C CYS A 179 -15.97 19.96 -14.10
N MET A 180 -15.34 18.91 -13.55
CA MET A 180 -15.71 17.53 -13.87
C MET A 180 -16.64 16.96 -12.80
N MET A 181 -16.64 17.58 -11.62
CA MET A 181 -17.44 17.10 -10.49
C MET A 181 -18.79 17.78 -10.24
N MET A 182 -18.82 19.10 -10.31
CA MET A 182 -20.06 19.84 -10.04
C MET A 182 -20.88 20.20 -11.27
N ARG A 183 -20.46 19.72 -12.43
CA ARG A 183 -21.14 20.00 -13.68
C ARG A 183 -20.63 19.07 -14.76
N GLY A 184 -21.18 19.19 -15.96
CA GLY A 184 -20.76 18.37 -17.08
C GLY A 184 -20.95 16.88 -16.82
N VAL A 185 -19.86 16.13 -16.92
CA VAL A 185 -19.89 14.68 -16.71
C VAL A 185 -20.26 14.31 -15.28
N GLU A 186 -20.02 15.23 -14.34
CA GLU A 186 -20.33 15.02 -12.93
C GLU A 186 -19.79 13.72 -12.33
N LYS A 187 -18.56 13.35 -12.70
CA LYS A 187 -17.93 12.15 -12.14
C LYS A 187 -17.44 12.55 -10.75
N GLN A 188 -17.56 11.64 -9.78
CA GLN A 188 -17.18 11.92 -8.41
C GLN A 188 -15.90 11.29 -7.87
N HIS A 189 -15.47 10.19 -8.46
CA HIS A 189 -14.30 9.47 -7.98
C HIS A 189 -12.99 9.72 -8.70
N SER A 190 -13.00 10.58 -9.71
CA SER A 190 -11.80 10.81 -10.51
C SER A 190 -10.77 11.80 -9.96
N ARG A 191 -9.51 11.51 -10.22
CA ARG A 191 -8.38 12.36 -9.83
C ARG A 191 -7.44 12.31 -11.03
N THR A 192 -6.69 13.40 -11.24
CA THR A 192 -5.78 13.44 -12.37
C THR A 192 -4.35 13.66 -11.93
N VAL A 193 -3.44 12.92 -12.54
CA VAL A 193 -2.02 13.03 -12.25
C VAL A 193 -1.28 13.55 -13.48
N THR A 194 -0.49 14.60 -13.29
CA THR A 194 0.33 15.14 -14.37
C THR A 194 1.73 15.27 -13.79
N SER A 195 2.73 15.32 -14.66
CA SER A 195 4.08 15.45 -14.14
C SER A 195 5.01 16.06 -15.15
N ALA A 196 6.21 16.39 -14.69
CA ALA A 196 7.26 16.97 -15.51
C ALA A 196 8.58 16.44 -14.94
N MET A 197 9.40 15.88 -15.82
CA MET A 197 10.67 15.31 -15.42
C MET A 197 11.79 16.00 -16.19
N LEU A 198 12.77 16.53 -15.47
CA LEU A 198 13.88 17.24 -16.09
C LEU A 198 15.23 16.65 -15.69
N GLY A 199 16.20 16.74 -16.60
CA GLY A 199 17.53 16.22 -16.33
C GLY A 199 17.58 14.73 -16.04
N VAL A 200 18.25 14.36 -14.96
CA VAL A 200 18.38 12.96 -14.60
C VAL A 200 17.04 12.29 -14.30
N PHE A 201 16.03 13.09 -13.95
CA PHE A 201 14.71 12.52 -13.67
C PHE A 201 14.03 12.09 -14.97
N ARG A 202 14.37 12.76 -16.06
CA ARG A 202 13.80 12.42 -17.36
C ARG A 202 14.60 11.30 -18.02
N GLU A 203 15.92 11.35 -17.85
CA GLU A 203 16.79 10.36 -18.48
C GLU A 203 17.11 9.07 -17.75
N ASN A 204 17.24 9.15 -16.44
CA ASN A 204 17.55 7.96 -15.65
C ASN A 204 16.28 7.29 -15.14
N GLN A 205 15.98 6.15 -15.73
CA GLN A 205 14.79 5.35 -15.40
C GLN A 205 14.68 5.05 -13.90
N LYS A 206 15.78 4.55 -13.33
CA LYS A 206 15.82 4.20 -11.92
C LYS A 206 15.65 5.40 -11.00
N THR A 207 16.17 6.55 -11.41
CA THR A 207 16.03 7.76 -10.60
C THR A 207 14.54 8.14 -10.59
N ARG A 208 13.88 8.02 -11.74
CA ARG A 208 12.46 8.34 -11.84
C ARG A 208 11.65 7.39 -10.98
N GLU A 209 11.94 6.09 -11.13
CA GLU A 209 11.25 5.05 -10.38
C GLU A 209 11.41 5.26 -8.88
N GLU A 210 12.63 5.64 -8.46
CA GLU A 210 12.90 5.88 -7.05
C GLU A 210 12.04 7.04 -6.53
N PHE A 211 11.99 8.13 -7.29
CA PHE A 211 11.19 9.29 -6.90
C PHE A 211 9.72 8.90 -6.75
N LEU A 212 9.17 8.28 -7.79
CA LEU A 212 7.77 7.86 -7.79
C LEU A 212 7.44 6.87 -6.67
N SER A 213 8.39 6.01 -6.33
CA SER A 213 8.19 5.03 -5.25
C SER A 213 8.08 5.72 -3.88
N HIS A 214 8.76 6.85 -3.72
CA HIS A 214 8.71 7.60 -2.47
C HIS A 214 7.30 8.16 -2.25
N LEU A 215 6.59 8.40 -3.34
CA LEU A 215 5.24 8.93 -3.28
C LEU A 215 4.18 7.88 -2.96
N ARG A 216 4.56 6.60 -3.03
CA ARG A 216 3.65 5.50 -2.70
C ARG A 216 3.86 5.02 -1.26
N GLU B 32 -32.86 6.49 -32.48
CA GLU B 32 -34.12 6.55 -31.69
C GLU B 32 -34.66 5.15 -31.37
N VAL B 33 -34.99 4.94 -30.10
CA VAL B 33 -35.54 3.64 -29.68
C VAL B 33 -37.05 3.77 -29.57
N ASP B 34 -37.75 2.69 -29.87
CA ASP B 34 -39.20 2.67 -29.81
C ASP B 34 -39.63 2.48 -28.35
N LEU B 35 -39.81 3.59 -27.65
CA LEU B 35 -40.21 3.58 -26.24
C LEU B 35 -41.57 2.90 -26.02
N GLU B 36 -42.47 3.08 -26.98
CA GLU B 36 -43.80 2.49 -26.89
C GLU B 36 -43.69 0.98 -26.90
N ARG B 37 -42.82 0.44 -27.75
CA ARG B 37 -42.62 -0.99 -27.84
C ARG B 37 -41.93 -1.52 -26.59
N LEU B 38 -40.96 -0.76 -26.06
CA LEU B 38 -40.26 -1.18 -24.85
C LEU B 38 -41.25 -1.27 -23.69
N GLN B 39 -42.15 -0.29 -23.60
CA GLN B 39 -43.17 -0.27 -22.54
C GLN B 39 -44.07 -1.50 -22.62
N ALA B 40 -44.47 -1.87 -23.85
CA ALA B 40 -45.31 -3.04 -24.07
C ALA B 40 -44.59 -4.30 -23.62
N LEU B 41 -43.32 -4.41 -23.98
CA LEU B 41 -42.51 -5.57 -23.62
C LEU B 41 -42.32 -5.66 -22.10
N ALA B 42 -42.07 -4.51 -21.47
CA ALA B 42 -41.88 -4.44 -20.02
C ALA B 42 -43.17 -4.79 -19.27
N ALA B 43 -44.30 -4.35 -19.80
CA ALA B 43 -45.60 -4.63 -19.18
C ALA B 43 -45.85 -6.14 -19.20
N GLU B 44 -45.52 -6.79 -20.31
CA GLU B 44 -45.71 -8.23 -20.43
C GLU B 44 -44.70 -8.96 -19.56
N TRP B 45 -43.52 -8.36 -19.37
CA TRP B 45 -42.48 -8.94 -18.54
C TRP B 45 -43.00 -9.05 -17.11
N LEU B 46 -43.66 -7.99 -16.65
CA LEU B 46 -44.24 -7.95 -15.31
C LEU B 46 -45.26 -9.07 -15.13
N GLN B 47 -46.07 -9.29 -16.16
CA GLN B 47 -47.08 -10.35 -16.12
C GLN B 47 -46.46 -11.74 -16.04
N VAL B 48 -45.51 -12.01 -16.92
CA VAL B 48 -44.85 -13.32 -16.97
C VAL B 48 -44.07 -13.71 -15.72
N ILE B 49 -43.40 -12.75 -15.08
CA ILE B 49 -42.63 -13.05 -13.88
C ILE B 49 -43.51 -13.33 -12.66
N GLY B 50 -44.81 -13.10 -12.79
CA GLY B 50 -45.73 -13.36 -11.70
C GLY B 50 -46.31 -12.15 -11.00
N GLU B 51 -45.90 -10.95 -11.42
CA GLU B 51 -46.39 -9.72 -10.80
C GLU B 51 -47.70 -9.19 -11.39
N ASP B 52 -48.25 -8.18 -10.73
CA ASP B 52 -49.49 -7.55 -11.17
C ASP B 52 -49.21 -6.16 -11.74
N PRO B 53 -49.28 -6.03 -13.08
CA PRO B 53 -49.02 -4.76 -13.78
C PRO B 53 -50.00 -3.66 -13.36
N GLY B 54 -51.09 -4.06 -12.72
CA GLY B 54 -52.10 -3.12 -12.27
C GLY B 54 -51.81 -2.48 -10.91
N ARG B 55 -50.85 -3.03 -10.17
CA ARG B 55 -50.48 -2.50 -8.84
C ARG B 55 -50.17 -1.02 -8.93
N GLU B 56 -50.39 -0.31 -7.82
CA GLU B 56 -50.09 1.12 -7.75
C GLU B 56 -48.65 1.36 -8.13
N GLY B 57 -47.74 0.67 -7.43
CA GLY B 57 -46.32 0.81 -7.65
C GLY B 57 -45.74 0.31 -8.97
N LEU B 58 -46.55 -0.37 -9.77
CA LEU B 58 -46.08 -0.89 -11.06
C LEU B 58 -46.71 -0.20 -12.26
N LEU B 59 -47.73 0.63 -12.02
CA LEU B 59 -48.41 1.33 -13.10
C LEU B 59 -47.50 2.09 -14.05
N LYS B 60 -46.55 2.85 -13.51
CA LYS B 60 -45.63 3.61 -14.33
C LYS B 60 -44.27 2.93 -14.56
N THR B 61 -44.14 1.68 -14.10
CA THR B 61 -42.90 0.93 -14.26
C THR B 61 -42.50 0.67 -15.71
N PRO B 62 -43.46 0.26 -16.56
CA PRO B 62 -43.10 0.02 -17.97
C PRO B 62 -42.50 1.27 -18.61
N GLU B 63 -43.09 2.42 -18.31
CA GLU B 63 -42.64 3.70 -18.83
C GLU B 63 -41.25 4.05 -18.28
N ARG B 64 -41.07 3.83 -16.98
CA ARG B 64 -39.79 4.10 -16.32
C ARG B 64 -38.68 3.18 -16.87
N VAL B 65 -39.02 1.91 -17.06
CA VAL B 65 -38.07 0.93 -17.59
C VAL B 65 -37.67 1.25 -19.03
N ALA B 66 -38.65 1.67 -19.83
CA ALA B 66 -38.40 2.03 -21.22
C ALA B 66 -37.37 3.16 -21.31
N LYS B 67 -37.62 4.24 -20.57
CA LYS B 67 -36.74 5.41 -20.54
C LYS B 67 -35.36 5.07 -20.00
N ALA B 68 -35.31 4.22 -18.98
CA ALA B 68 -34.04 3.82 -18.37
C ALA B 68 -33.15 3.08 -19.37
N TRP B 69 -33.74 2.12 -20.07
CA TRP B 69 -32.98 1.35 -21.05
C TRP B 69 -32.54 2.16 -22.26
N ALA B 70 -33.32 3.18 -22.60
CA ALA B 70 -32.98 4.06 -23.71
C ALA B 70 -31.70 4.81 -23.30
N PHE B 71 -31.64 5.23 -22.04
CA PHE B 71 -30.48 5.94 -21.50
C PHE B 71 -29.28 5.00 -21.33
N LEU B 72 -29.55 3.80 -20.80
CA LEU B 72 -28.50 2.81 -20.57
C LEU B 72 -27.85 2.25 -21.84
N THR B 73 -28.49 2.47 -22.99
CA THR B 73 -27.97 2.01 -24.27
C THR B 73 -27.69 3.20 -25.21
N ARG B 74 -27.70 4.41 -24.66
CA ARG B 74 -27.47 5.62 -25.45
C ARG B 74 -26.08 5.67 -26.09
N GLY B 75 -25.17 4.85 -25.59
CA GLY B 75 -23.81 4.83 -26.12
C GLY B 75 -23.71 4.42 -27.58
N TYR B 76 -24.62 3.55 -28.03
CA TYR B 76 -24.65 3.09 -29.41
C TYR B 76 -25.02 4.22 -30.36
N ARG B 77 -25.77 5.19 -29.84
CA ARG B 77 -26.22 6.32 -30.63
C ARG B 77 -25.37 7.59 -30.54
N GLN B 78 -24.17 7.46 -29.97
CA GLN B 78 -23.26 8.59 -29.85
C GLN B 78 -22.13 8.51 -30.87
N ARG B 79 -21.57 9.66 -31.22
CA ARG B 79 -20.47 9.74 -32.17
C ARG B 79 -19.25 10.27 -31.44
N LEU B 80 -18.11 9.59 -31.62
CA LEU B 80 -16.87 9.99 -30.96
C LEU B 80 -16.51 11.45 -31.21
N GLU B 81 -16.72 11.90 -32.44
CA GLU B 81 -16.42 13.29 -32.80
C GLU B 81 -17.22 14.30 -31.97
N GLU B 82 -18.49 13.98 -31.73
CA GLU B 82 -19.35 14.86 -30.94
C GLU B 82 -19.04 14.77 -29.45
N VAL B 83 -18.68 13.56 -29.01
CA VAL B 83 -18.34 13.32 -27.61
C VAL B 83 -17.09 14.10 -27.20
N VAL B 84 -16.09 14.14 -28.09
CA VAL B 84 -14.85 14.86 -27.84
C VAL B 84 -15.07 16.38 -27.93
N GLY B 85 -15.99 16.79 -28.80
CA GLY B 85 -16.31 18.19 -28.98
C GLY B 85 -15.14 19.12 -29.29
N GLY B 86 -14.15 18.60 -30.00
CA GLY B 86 -12.99 19.39 -30.37
C GLY B 86 -12.14 19.87 -29.20
N ALA B 87 -12.35 19.30 -28.02
CA ALA B 87 -11.58 19.69 -26.84
C ALA B 87 -10.21 19.04 -26.84
N VAL B 88 -9.45 19.31 -27.90
CA VAL B 88 -8.10 18.79 -28.06
C VAL B 88 -7.21 20.03 -28.06
N PHE B 89 -6.26 20.07 -27.15
CA PHE B 89 -5.36 21.21 -27.02
C PHE B 89 -3.90 20.80 -27.24
N PRO B 90 -3.03 21.79 -27.50
CA PRO B 90 -1.61 21.51 -27.72
C PRO B 90 -1.02 20.94 -26.42
N ALA B 91 -0.11 19.98 -26.54
CA ALA B 91 0.52 19.38 -25.37
C ALA B 91 1.37 20.42 -24.64
N GLU B 92 1.45 20.30 -23.33
CA GLU B 92 2.23 21.22 -22.50
C GLU B 92 3.59 20.62 -22.17
N GLY B 93 3.69 19.31 -22.31
CA GLY B 93 4.92 18.60 -22.02
C GLY B 93 4.85 17.22 -22.63
N SER B 94 5.88 16.41 -22.37
CA SER B 94 5.94 15.06 -22.90
C SER B 94 5.66 13.96 -21.89
N GLU B 95 5.39 14.33 -20.63
CA GLU B 95 5.14 13.33 -19.59
C GLU B 95 3.73 12.76 -19.61
N MET B 96 3.61 11.58 -19.01
CA MET B 96 2.36 10.85 -18.93
C MET B 96 1.29 11.62 -18.14
N VAL B 97 0.05 11.50 -18.61
CA VAL B 97 -1.10 12.10 -17.94
C VAL B 97 -1.94 10.90 -17.54
N VAL B 98 -2.31 10.84 -16.27
CA VAL B 98 -3.13 9.73 -15.76
C VAL B 98 -4.42 10.26 -15.17
N VAL B 99 -5.54 9.80 -15.71
CA VAL B 99 -6.85 10.19 -15.22
C VAL B 99 -7.39 8.93 -14.58
N LYS B 100 -7.40 8.87 -13.26
CA LYS B 100 -7.89 7.68 -12.61
C LYS B 100 -9.22 7.80 -11.89
N GLY B 101 -9.79 6.65 -11.57
CA GLY B 101 -11.04 6.61 -10.83
C GLY B 101 -12.27 7.12 -11.54
N VAL B 102 -12.33 7.04 -12.87
CA VAL B 102 -13.53 7.47 -13.58
C VAL B 102 -14.55 6.35 -13.37
N GLU B 103 -15.52 6.57 -12.49
CA GLU B 103 -16.52 5.54 -12.23
C GLU B 103 -17.32 5.26 -13.49
N PHE B 104 -17.71 4.01 -13.68
CA PHE B 104 -18.51 3.62 -14.83
C PHE B 104 -19.56 2.60 -14.44
N TYR B 105 -20.58 2.50 -15.28
CA TYR B 105 -21.66 1.54 -15.08
C TYR B 105 -21.98 0.98 -16.45
N SER B 106 -22.10 -0.34 -16.55
CA SER B 106 -22.44 -0.95 -17.82
C SER B 106 -23.36 -2.14 -17.56
N MET B 107 -23.77 -2.80 -18.64
CA MET B 107 -24.65 -3.97 -18.58
C MET B 107 -23.92 -5.11 -19.26
N CYS B 108 -23.83 -6.27 -18.61
CA CYS B 108 -23.14 -7.39 -19.23
C CYS B 108 -24.05 -7.91 -20.34
N GLU B 109 -23.47 -8.14 -21.51
CA GLU B 109 -24.25 -8.62 -22.65
C GLU B 109 -24.76 -10.03 -22.47
N HIS B 110 -24.15 -10.77 -21.54
CA HIS B 110 -24.54 -12.15 -21.28
C HIS B 110 -25.80 -12.33 -20.43
N HIS B 111 -26.01 -11.46 -19.45
CA HIS B 111 -27.17 -11.57 -18.58
C HIS B 111 -28.03 -10.32 -18.46
N LEU B 112 -27.57 -9.22 -19.06
CA LEU B 112 -28.28 -7.95 -18.98
C LEU B 112 -28.38 -7.49 -17.52
N LEU B 113 -27.30 -7.72 -16.78
CA LEU B 113 -27.20 -7.29 -15.38
C LEU B 113 -26.04 -6.32 -15.30
N PRO B 114 -26.14 -5.30 -14.44
CA PRO B 114 -25.06 -4.32 -14.32
C PRO B 114 -23.73 -4.83 -13.80
N PHE B 115 -22.67 -4.22 -14.32
CA PHE B 115 -21.32 -4.47 -13.84
C PHE B 115 -20.75 -3.06 -13.79
N PHE B 116 -20.06 -2.75 -12.70
CA PHE B 116 -19.55 -1.39 -12.53
C PHE B 116 -18.28 -1.31 -11.73
N GLY B 117 -17.66 -0.13 -11.78
CA GLY B 117 -16.41 0.07 -11.06
C GLY B 117 -15.77 1.35 -11.51
N LYS B 118 -14.49 1.27 -11.87
CA LYS B 118 -13.74 2.43 -12.28
C LYS B 118 -12.85 2.16 -13.48
N VAL B 119 -12.59 3.22 -14.25
CA VAL B 119 -11.71 3.14 -15.41
C VAL B 119 -10.55 4.10 -15.16
N HIS B 120 -9.32 3.63 -15.40
CA HIS B 120 -8.14 4.45 -15.18
C HIS B 120 -7.49 4.60 -16.55
N ILE B 121 -7.16 5.84 -16.93
CA ILE B 121 -6.56 6.08 -18.23
C ILE B 121 -5.20 6.74 -18.14
N GLY B 122 -4.25 6.23 -18.92
CA GLY B 122 -2.93 6.81 -18.94
C GLY B 122 -2.49 7.01 -20.39
N TYR B 123 -1.78 8.10 -20.68
CA TYR B 123 -1.31 8.33 -22.04
C TYR B 123 -0.14 9.31 -22.09
N ILE B 124 0.63 9.21 -23.16
CA ILE B 124 1.76 10.10 -23.38
C ILE B 124 1.43 10.78 -24.70
N PRO B 125 1.27 12.10 -24.67
CA PRO B 125 0.93 12.94 -25.82
C PRO B 125 1.98 13.00 -26.93
N ASP B 126 1.51 13.27 -28.14
CA ASP B 126 2.38 13.48 -29.29
C ASP B 126 1.90 14.80 -29.87
N GLY B 127 2.07 15.87 -29.08
CA GLY B 127 1.67 17.20 -29.51
C GLY B 127 0.23 17.59 -29.19
N LYS B 128 -0.58 16.63 -28.74
CA LYS B 128 -1.98 16.92 -28.43
C LYS B 128 -2.50 16.28 -27.13
N ILE B 129 -3.21 17.06 -26.33
CA ILE B 129 -3.78 16.57 -25.09
C ILE B 129 -5.31 16.76 -25.14
N LEU B 130 -6.01 15.90 -24.42
CA LEU B 130 -7.47 15.93 -24.40
C LEU B 130 -8.04 16.58 -23.15
N GLY B 131 -9.16 17.29 -23.32
CA GLY B 131 -9.82 17.91 -22.19
C GLY B 131 -10.14 16.76 -21.23
N LEU B 132 -9.76 16.89 -19.97
CA LEU B 132 -9.96 15.83 -18.98
C LEU B 132 -11.34 15.18 -18.93
N SER B 133 -12.39 16.00 -18.98
CA SER B 133 -13.75 15.47 -18.94
C SER B 133 -14.11 14.60 -20.14
N LYS B 134 -13.44 14.81 -21.27
CA LYS B 134 -13.73 14.01 -22.46
C LYS B 134 -13.40 12.55 -22.25
N PHE B 135 -12.44 12.25 -21.37
CA PHE B 135 -12.12 10.86 -21.07
C PHE B 135 -13.34 10.20 -20.46
N ALA B 136 -14.00 10.92 -19.55
CA ALA B 136 -15.20 10.43 -18.88
C ALA B 136 -16.34 10.27 -19.88
N ARG B 137 -16.45 11.21 -20.82
CA ARG B 137 -17.49 11.13 -21.85
C ARG B 137 -17.26 9.92 -22.77
N ILE B 138 -15.99 9.62 -23.06
CA ILE B 138 -15.64 8.47 -23.89
C ILE B 138 -15.96 7.18 -23.12
N VAL B 139 -15.66 7.18 -21.82
CA VAL B 139 -15.95 6.02 -20.97
C VAL B 139 -17.45 5.73 -21.01
N ASP B 140 -18.27 6.76 -20.83
CA ASP B 140 -19.72 6.61 -20.83
C ASP B 140 -20.28 6.14 -22.17
N MET B 141 -19.69 6.63 -23.27
CA MET B 141 -20.14 6.25 -24.61
C MET B 141 -20.04 4.74 -24.83
N PHE B 142 -18.96 4.14 -24.33
CA PHE B 142 -18.77 2.71 -24.48
C PHE B 142 -19.36 1.89 -23.35
N ALA B 143 -19.55 2.52 -22.19
CA ALA B 143 -20.11 1.83 -21.04
C ALA B 143 -21.63 1.67 -21.14
N ARG B 144 -22.29 2.67 -21.73
CA ARG B 144 -23.75 2.63 -21.86
C ARG B 144 -24.17 1.85 -23.11
N ARG B 145 -23.85 0.56 -23.05
CA ARG B 145 -24.12 -0.42 -24.11
C ARG B 145 -24.12 -1.76 -23.40
N LEU B 146 -24.33 -2.83 -24.17
CA LEU B 146 -24.24 -4.17 -23.63
C LEU B 146 -22.76 -4.48 -23.86
N GLN B 147 -22.08 -4.99 -22.83
CA GLN B 147 -20.65 -5.20 -22.94
C GLN B 147 -20.07 -6.41 -22.24
N VAL B 148 -18.78 -6.60 -22.49
CA VAL B 148 -17.95 -7.60 -21.81
C VAL B 148 -16.81 -6.67 -21.37
N GLN B 149 -16.35 -6.79 -20.13
CA GLN B 149 -15.32 -5.89 -19.62
C GLN B 149 -14.03 -5.85 -20.44
N GLU B 150 -13.67 -6.98 -21.03
CA GLU B 150 -12.47 -7.06 -21.86
C GLU B 150 -12.57 -6.13 -23.06
N ARG B 151 -13.76 -6.03 -23.63
CA ARG B 151 -13.99 -5.18 -24.80
C ARG B 151 -14.03 -3.71 -24.42
N LEU B 152 -14.66 -3.42 -23.28
CA LEU B 152 -14.79 -2.05 -22.80
C LEU B 152 -13.43 -1.36 -22.70
N ALA B 153 -12.44 -2.04 -22.14
CA ALA B 153 -11.10 -1.47 -22.00
C ALA B 153 -10.49 -1.16 -23.37
N VAL B 154 -10.62 -2.12 -24.29
CA VAL B 154 -10.09 -1.98 -25.64
C VAL B 154 -10.70 -0.83 -26.43
N GLN B 155 -12.03 -0.73 -26.44
CA GLN B 155 -12.70 0.33 -27.17
C GLN B 155 -12.39 1.73 -26.64
N ILE B 156 -12.25 1.86 -25.33
CA ILE B 156 -11.92 3.15 -24.73
C ILE B 156 -10.51 3.54 -25.19
N ALA B 157 -9.58 2.59 -25.13
CA ALA B 157 -8.21 2.83 -25.54
C ALA B 157 -8.12 3.19 -27.02
N GLU B 158 -8.83 2.45 -27.87
CA GLU B 158 -8.83 2.71 -29.31
C GLU B 158 -9.44 4.06 -29.64
N ALA B 159 -10.45 4.45 -28.87
CA ALA B 159 -11.11 5.73 -29.08
C ALA B 159 -10.14 6.87 -28.79
N ILE B 160 -9.41 6.76 -27.67
CA ILE B 160 -8.44 7.79 -27.29
C ILE B 160 -7.33 7.85 -28.34
N GLN B 161 -6.89 6.68 -28.79
CA GLN B 161 -5.85 6.60 -29.82
C GLN B 161 -6.28 7.35 -31.08
N GLU B 162 -7.51 7.10 -31.53
CA GLU B 162 -8.03 7.75 -32.73
C GLU B 162 -8.12 9.27 -32.59
N VAL B 163 -8.58 9.72 -31.43
CA VAL B 163 -8.75 11.15 -31.15
C VAL B 163 -7.45 11.94 -30.98
N LEU B 164 -6.47 11.35 -30.30
CA LEU B 164 -5.23 12.04 -30.02
C LEU B 164 -3.99 11.58 -30.75
N GLU B 165 -4.01 10.37 -31.29
CA GLU B 165 -2.84 9.80 -31.95
C GLU B 165 -1.62 10.05 -31.05
N PRO B 166 -1.73 9.63 -29.77
CA PRO B 166 -0.64 9.82 -28.79
C PRO B 166 0.51 8.84 -29.02
N GLN B 167 1.59 9.03 -28.29
CA GLN B 167 2.73 8.12 -28.39
C GLN B 167 2.25 6.77 -27.86
N GLY B 168 1.32 6.82 -26.92
CA GLY B 168 0.77 5.61 -26.36
C GLY B 168 -0.38 5.91 -25.42
N VAL B 169 -1.17 4.89 -25.13
CA VAL B 169 -2.31 5.01 -24.22
C VAL B 169 -2.57 3.66 -23.54
N GLY B 170 -2.93 3.71 -22.26
CA GLY B 170 -3.22 2.50 -21.52
C GLY B 170 -4.53 2.71 -20.78
N VAL B 171 -5.37 1.68 -20.74
CA VAL B 171 -6.65 1.75 -20.06
C VAL B 171 -6.81 0.53 -19.17
N VAL B 172 -7.18 0.77 -17.91
CA VAL B 172 -7.41 -0.29 -16.96
C VAL B 172 -8.84 -0.16 -16.45
N VAL B 173 -9.60 -1.24 -16.53
CA VAL B 173 -10.99 -1.24 -16.06
C VAL B 173 -11.09 -2.23 -14.91
N GLU B 174 -11.62 -1.77 -13.78
CA GLU B 174 -11.78 -2.66 -12.66
C GLU B 174 -13.22 -2.61 -12.22
N GLY B 175 -13.88 -3.76 -12.21
CA GLY B 175 -15.28 -3.76 -11.83
C GLY B 175 -15.80 -5.01 -11.18
N VAL B 176 -17.01 -4.88 -10.64
CA VAL B 176 -17.70 -5.98 -9.98
C VAL B 176 -18.91 -6.28 -10.87
N HIS B 177 -19.25 -7.56 -10.98
CA HIS B 177 -20.36 -7.99 -11.82
C HIS B 177 -21.49 -8.59 -11.01
N LEU B 178 -22.66 -7.95 -11.08
CA LEU B 178 -23.82 -8.42 -10.35
C LEU B 178 -24.26 -9.81 -10.79
N CYS B 179 -23.97 -10.18 -12.03
CA CYS B 179 -24.35 -11.52 -12.52
C CYS B 179 -23.53 -12.60 -11.81
N MET B 180 -22.47 -12.19 -11.11
CA MET B 180 -21.63 -13.11 -10.36
C MET B 180 -21.95 -13.00 -8.88
N MET B 181 -22.54 -11.87 -8.50
CA MET B 181 -22.85 -11.60 -7.10
C MET B 181 -24.27 -11.86 -6.63
N MET B 182 -25.26 -11.43 -7.42
CA MET B 182 -26.65 -11.61 -7.03
C MET B 182 -27.33 -12.86 -7.59
N ARG B 183 -26.55 -13.68 -8.30
CA ARG B 183 -27.05 -14.91 -8.89
C ARG B 183 -25.87 -15.81 -9.27
N GLY B 184 -26.17 -16.98 -9.83
CA GLY B 184 -25.13 -17.91 -10.24
C GLY B 184 -24.21 -18.35 -9.12
N VAL B 185 -22.92 -18.10 -9.27
CA VAL B 185 -21.93 -18.49 -8.27
C VAL B 185 -22.10 -17.72 -6.96
N GLU B 186 -22.71 -16.54 -7.04
CA GLU B 186 -22.95 -15.69 -5.88
C GLU B 186 -21.72 -15.36 -5.04
N LYS B 187 -20.57 -15.19 -5.71
CA LYS B 187 -19.34 -14.83 -5.01
C LYS B 187 -19.47 -13.35 -4.64
N GLN B 188 -18.99 -13.00 -3.45
CA GLN B 188 -19.11 -11.63 -2.95
C GLN B 188 -17.87 -10.75 -2.93
N HIS B 189 -16.70 -11.37 -2.84
CA HIS B 189 -15.44 -10.63 -2.77
C HIS B 189 -14.67 -10.42 -4.07
N SER B 190 -15.14 -11.02 -5.15
CA SER B 190 -14.47 -10.93 -6.44
C SER B 190 -14.56 -9.60 -7.19
N ARG B 191 -13.49 -9.29 -7.91
CA ARG B 191 -13.37 -8.07 -8.69
C ARG B 191 -12.56 -8.44 -9.93
N THR B 192 -12.88 -7.83 -11.07
CA THR B 192 -12.18 -8.15 -12.31
C THR B 192 -11.44 -6.96 -12.92
N VAL B 193 -10.20 -7.22 -13.34
CA VAL B 193 -9.39 -6.20 -13.97
C VAL B 193 -9.11 -6.59 -15.42
N THR B 194 -9.36 -5.66 -16.34
CA THR B 194 -9.08 -5.87 -17.76
C THR B 194 -8.31 -4.64 -18.19
N SER B 195 -7.60 -4.72 -19.31
CA SER B 195 -6.85 -3.57 -19.76
C SER B 195 -6.55 -3.63 -21.25
N ALA B 196 -6.07 -2.51 -21.78
CA ALA B 196 -5.70 -2.37 -23.18
C ALA B 196 -4.49 -1.44 -23.20
N MET B 197 -3.44 -1.85 -23.90
CA MET B 197 -2.23 -1.03 -23.99
C MET B 197 -1.89 -0.81 -25.46
N LEU B 198 -1.70 0.45 -25.84
CA LEU B 198 -1.38 0.80 -27.22
C LEU B 198 -0.14 1.68 -27.33
N GLY B 199 0.56 1.54 -28.45
CA GLY B 199 1.77 2.34 -28.66
C GLY B 199 2.82 2.09 -27.61
N VAL B 200 3.42 3.15 -27.08
CA VAL B 200 4.46 2.99 -26.06
C VAL B 200 4.01 2.25 -24.81
N PHE B 201 2.71 2.28 -24.50
CA PHE B 201 2.22 1.56 -23.33
C PHE B 201 2.34 0.06 -23.57
N ARG B 202 2.30 -0.35 -24.83
CA ARG B 202 2.42 -1.76 -25.19
C ARG B 202 3.88 -2.11 -25.47
N GLU B 203 4.57 -1.19 -26.16
CA GLU B 203 5.96 -1.39 -26.57
C GLU B 203 7.06 -1.12 -25.54
N ASN B 204 6.79 -0.25 -24.58
CA ASN B 204 7.78 0.09 -23.55
C ASN B 204 7.34 -0.47 -22.20
N GLN B 205 8.07 -1.48 -21.74
CA GLN B 205 7.81 -2.14 -20.47
C GLN B 205 7.78 -1.19 -19.29
N LYS B 206 8.77 -0.31 -19.22
CA LYS B 206 8.89 0.67 -18.14
C LYS B 206 7.75 1.67 -18.12
N THR B 207 7.29 2.07 -19.30
CA THR B 207 6.18 3.01 -19.42
C THR B 207 4.91 2.38 -18.83
N ARG B 208 4.65 1.14 -19.21
CA ARG B 208 3.47 0.43 -18.70
C ARG B 208 3.54 0.28 -17.19
N GLU B 209 4.71 -0.12 -16.68
CA GLU B 209 4.90 -0.29 -15.24
C GLU B 209 4.67 1.03 -14.49
N GLU B 210 5.18 2.13 -15.06
CA GLU B 210 5.03 3.45 -14.47
C GLU B 210 3.55 3.83 -14.34
N PHE B 211 2.77 3.53 -15.38
CA PHE B 211 1.33 3.81 -15.41
C PHE B 211 0.64 2.97 -14.34
N LEU B 212 0.94 1.66 -14.32
CA LEU B 212 0.31 0.76 -13.35
C LEU B 212 0.69 1.10 -11.92
N SER B 213 1.91 1.59 -11.72
CA SER B 213 2.36 1.97 -10.37
C SER B 213 1.62 3.20 -9.87
N HIS B 214 1.24 4.09 -10.78
CA HIS B 214 0.49 5.28 -10.41
C HIS B 214 -0.88 4.88 -9.89
N LEU B 215 -1.36 3.71 -10.31
CA LEU B 215 -2.67 3.22 -9.87
C LEU B 215 -2.65 2.55 -8.50
N ARG B 216 -1.45 2.32 -7.97
CA ARG B 216 -1.31 1.70 -6.64
C ARG B 216 -1.05 2.75 -5.57
N GLU C 32 -24.25 -42.23 -5.14
CA GLU C 32 -22.84 -41.87 -4.86
C GLU C 32 -22.49 -42.00 -3.38
N VAL C 33 -22.57 -40.89 -2.66
CA VAL C 33 -22.26 -40.88 -1.23
C VAL C 33 -23.42 -41.46 -0.42
N ASP C 34 -23.10 -42.48 0.39
CA ASP C 34 -24.09 -43.13 1.23
C ASP C 34 -24.38 -42.26 2.46
N LEU C 35 -25.41 -41.43 2.35
CA LEU C 35 -25.80 -40.53 3.43
C LEU C 35 -26.19 -41.27 4.70
N GLU C 36 -26.88 -42.40 4.55
CA GLU C 36 -27.31 -43.22 5.68
C GLU C 36 -26.11 -43.68 6.51
N ARG C 37 -25.07 -44.13 5.82
CA ARG C 37 -23.86 -44.61 6.48
C ARG C 37 -23.17 -43.47 7.24
N LEU C 38 -23.16 -42.28 6.64
CA LEU C 38 -22.55 -41.11 7.27
C LEU C 38 -23.31 -40.72 8.54
N GLN C 39 -24.63 -40.78 8.48
CA GLN C 39 -25.47 -40.45 9.63
C GLN C 39 -25.14 -41.37 10.80
N ALA C 40 -25.01 -42.66 10.51
CA ALA C 40 -24.69 -43.66 11.52
C ALA C 40 -23.31 -43.37 12.13
N LEU C 41 -22.36 -43.03 11.26
CA LEU C 41 -21.00 -42.71 11.70
C LEU C 41 -20.99 -41.45 12.57
N ALA C 42 -21.76 -40.45 12.15
CA ALA C 42 -21.86 -39.18 12.87
C ALA C 42 -22.53 -39.39 14.22
N ALA C 43 -23.51 -40.29 14.27
CA ALA C 43 -24.23 -40.60 15.49
C ALA C 43 -23.30 -41.24 16.51
N GLU C 44 -22.44 -42.14 16.04
CA GLU C 44 -21.49 -42.81 16.91
C GLU C 44 -20.40 -41.83 17.33
N TRP C 45 -20.10 -40.87 16.45
CA TRP C 45 -19.09 -39.86 16.74
C TRP C 45 -19.51 -39.00 17.93
N LEU C 46 -20.79 -38.66 17.96
CA LEU C 46 -21.36 -37.85 19.03
C LEU C 46 -21.26 -38.51 20.40
N GLN C 47 -21.51 -39.81 20.48
CA GLN C 47 -21.43 -40.51 21.77
C GLN C 47 -20.00 -40.73 22.24
N VAL C 48 -19.11 -41.06 21.31
CA VAL C 48 -17.70 -41.31 21.64
C VAL C 48 -17.00 -40.08 22.21
N ILE C 49 -17.31 -38.89 21.68
CA ILE C 49 -16.69 -37.66 22.17
C ILE C 49 -17.24 -37.22 23.52
N GLY C 50 -18.31 -37.87 23.97
CA GLY C 50 -18.90 -37.54 25.25
C GLY C 50 -20.23 -36.84 25.24
N GLU C 51 -20.86 -36.71 24.07
CA GLU C 51 -22.15 -36.06 23.98
C GLU C 51 -23.34 -37.01 23.99
N ASP C 52 -24.54 -36.47 24.13
CA ASP C 52 -25.76 -37.26 24.15
C ASP C 52 -26.49 -37.15 22.82
N PRO C 53 -26.37 -38.17 21.97
CA PRO C 53 -27.01 -38.20 20.64
C PRO C 53 -28.53 -38.04 20.72
N GLY C 54 -29.10 -38.38 21.88
CA GLY C 54 -30.54 -38.28 22.07
C GLY C 54 -30.99 -36.89 22.52
N ARG C 55 -30.02 -36.03 22.79
CA ARG C 55 -30.30 -34.66 23.22
C ARG C 55 -31.05 -33.89 22.15
N GLU C 56 -31.96 -33.02 22.60
CA GLU C 56 -32.79 -32.19 21.72
C GLU C 56 -32.05 -31.58 20.53
N GLY C 57 -31.01 -30.80 20.80
CA GLY C 57 -30.26 -30.14 19.75
C GLY C 57 -29.36 -31.00 18.88
N LEU C 58 -29.22 -32.28 19.23
CA LEU C 58 -28.38 -33.18 18.46
C LEU C 58 -29.13 -34.24 17.66
N LEU C 59 -30.44 -34.33 17.86
CA LEU C 59 -31.28 -35.31 17.15
C LEU C 59 -31.10 -35.33 15.64
N LYS C 60 -31.17 -34.15 15.02
CA LYS C 60 -31.02 -34.05 13.57
C LYS C 60 -29.59 -33.75 13.11
N THR C 61 -28.65 -33.76 14.05
CA THR C 61 -27.24 -33.48 13.72
C THR C 61 -26.61 -34.47 12.75
N PRO C 62 -26.68 -35.79 13.03
CA PRO C 62 -26.08 -36.75 12.10
C PRO C 62 -26.59 -36.60 10.67
N GLU C 63 -27.85 -36.17 10.54
CA GLU C 63 -28.47 -35.96 9.23
C GLU C 63 -27.90 -34.69 8.58
N ARG C 64 -27.80 -33.62 9.36
CA ARG C 64 -27.27 -32.35 8.88
C ARG C 64 -25.80 -32.46 8.48
N VAL C 65 -25.03 -33.22 9.27
CA VAL C 65 -23.61 -33.43 9.02
C VAL C 65 -23.39 -34.26 7.74
N ALA C 66 -24.25 -35.26 7.54
CA ALA C 66 -24.16 -36.13 6.36
C ALA C 66 -24.31 -35.33 5.08
N LYS C 67 -25.39 -34.55 4.99
CA LYS C 67 -25.66 -33.72 3.81
C LYS C 67 -24.58 -32.67 3.65
N ALA C 68 -24.10 -32.15 4.77
CA ALA C 68 -23.05 -31.13 4.78
C ALA C 68 -21.80 -31.63 4.09
N TRP C 69 -21.30 -32.79 4.53
CA TRP C 69 -20.10 -33.37 3.95
C TRP C 69 -20.26 -33.82 2.51
N ALA C 70 -21.49 -34.14 2.11
CA ALA C 70 -21.77 -34.54 0.75
C ALA C 70 -21.55 -33.32 -0.14
N PHE C 71 -21.99 -32.16 0.36
CA PHE C 71 -21.84 -30.90 -0.35
C PHE C 71 -20.38 -30.47 -0.36
N LEU C 72 -19.71 -30.61 0.79
CA LEU C 72 -18.30 -30.22 0.94
C LEU C 72 -17.31 -31.07 0.15
N THR C 73 -17.79 -32.19 -0.39
CA THR C 73 -16.94 -33.10 -1.17
C THR C 73 -17.49 -33.29 -2.58
N ARG C 74 -18.47 -32.46 -2.95
CA ARG C 74 -19.11 -32.54 -4.27
C ARG C 74 -18.16 -32.27 -5.43
N GLY C 75 -17.01 -31.66 -5.12
CA GLY C 75 -16.02 -31.35 -6.14
C GLY C 75 -15.43 -32.57 -6.83
N TYR C 76 -15.38 -33.68 -6.10
CA TYR C 76 -14.85 -34.95 -6.64
C TYR C 76 -15.76 -35.49 -7.74
N ARG C 77 -17.04 -35.18 -7.63
CA ARG C 77 -18.05 -35.66 -8.58
C ARG C 77 -18.38 -34.73 -9.74
N GLN C 78 -17.76 -33.55 -9.78
CA GLN C 78 -18.01 -32.61 -10.86
C GLN C 78 -17.11 -32.88 -12.06
N ARG C 79 -17.54 -32.40 -13.22
CA ARG C 79 -16.77 -32.57 -14.46
C ARG C 79 -16.42 -31.18 -15.00
N LEU C 80 -15.13 -30.98 -15.27
CA LEU C 80 -14.63 -29.70 -15.78
C LEU C 80 -15.43 -29.17 -16.98
N GLU C 81 -15.82 -30.08 -17.87
CA GLU C 81 -16.57 -29.72 -19.06
C GLU C 81 -17.94 -29.13 -18.73
N GLU C 82 -18.60 -29.70 -17.73
CA GLU C 82 -19.93 -29.24 -17.31
C GLU C 82 -19.84 -27.95 -16.49
N VAL C 83 -18.79 -27.84 -15.68
CA VAL C 83 -18.57 -26.66 -14.84
C VAL C 83 -18.33 -25.42 -15.69
N VAL C 84 -17.52 -25.56 -16.74
CA VAL C 84 -17.22 -24.45 -17.64
C VAL C 84 -18.40 -24.23 -18.58
N GLY C 85 -19.11 -25.31 -18.90
CA GLY C 85 -20.24 -25.22 -19.81
C GLY C 85 -19.69 -24.83 -21.16
N GLY C 86 -20.38 -23.92 -21.84
CA GLY C 86 -19.91 -23.49 -23.15
C GLY C 86 -19.41 -22.05 -23.12
N ALA C 87 -19.23 -21.51 -21.91
CA ALA C 87 -18.78 -20.13 -21.73
C ALA C 87 -17.34 -19.80 -22.09
N VAL C 88 -16.99 -20.07 -23.34
CA VAL C 88 -15.67 -19.78 -23.88
C VAL C 88 -15.92 -18.87 -25.08
N PHE C 89 -15.56 -17.60 -24.93
CA PHE C 89 -15.79 -16.60 -25.97
C PHE C 89 -14.51 -16.17 -26.67
N PRO C 90 -14.62 -15.52 -27.85
CA PRO C 90 -13.45 -15.06 -28.60
C PRO C 90 -12.77 -13.93 -27.82
N ALA C 91 -11.45 -13.89 -27.84
CA ALA C 91 -10.69 -12.87 -27.13
C ALA C 91 -10.95 -11.47 -27.69
N GLU C 92 -11.13 -10.50 -26.80
CA GLU C 92 -11.37 -9.11 -27.20
C GLU C 92 -10.06 -8.35 -27.38
N GLY C 93 -8.99 -8.92 -26.82
CA GLY C 93 -7.69 -8.30 -26.89
C GLY C 93 -6.61 -9.26 -26.40
N SER C 94 -5.37 -8.78 -26.34
CA SER C 94 -4.25 -9.61 -25.91
C SER C 94 -3.76 -9.35 -24.49
N GLU C 95 -4.31 -8.33 -23.83
CA GLU C 95 -3.89 -8.00 -22.47
C GLU C 95 -4.36 -8.98 -21.42
N MET C 96 -3.65 -8.99 -20.30
CA MET C 96 -3.93 -9.86 -19.17
C MET C 96 -5.31 -9.59 -18.57
N VAL C 97 -5.98 -10.66 -18.14
CA VAL C 97 -7.28 -10.55 -17.49
C VAL C 97 -7.05 -11.07 -16.08
N VAL C 98 -7.44 -10.27 -15.08
CA VAL C 98 -7.25 -10.66 -13.68
C VAL C 98 -8.58 -10.72 -12.92
N VAL C 99 -8.88 -11.89 -12.38
CA VAL C 99 -10.09 -12.09 -11.58
C VAL C 99 -9.61 -12.32 -10.16
N LYS C 100 -9.70 -11.29 -9.34
CA LYS C 100 -9.24 -11.42 -7.97
C LYS C 100 -10.32 -11.51 -6.91
N GLY C 101 -9.90 -11.98 -5.75
CA GLY C 101 -10.81 -12.07 -4.61
C GLY C 101 -11.91 -13.11 -4.67
N VAL C 102 -11.69 -14.22 -5.38
CA VAL C 102 -12.72 -15.26 -5.42
C VAL C 102 -12.58 -16.03 -4.11
N GLU C 103 -13.51 -15.79 -3.19
CA GLU C 103 -13.44 -16.49 -1.90
C GLU C 103 -13.58 -17.99 -2.09
N PHE C 104 -12.95 -18.76 -1.21
CA PHE C 104 -13.03 -20.21 -1.29
C PHE C 104 -13.01 -20.81 0.10
N TYR C 105 -13.50 -22.04 0.20
CA TYR C 105 -13.52 -22.78 1.46
C TYR C 105 -13.18 -24.22 1.10
N SER C 106 -12.29 -24.82 1.89
CA SER C 106 -11.87 -26.19 1.65
C SER C 106 -11.60 -26.87 3.00
N MET C 107 -11.24 -28.14 2.93
CA MET C 107 -10.94 -28.92 4.14
C MET C 107 -9.54 -29.51 3.99
N CYS C 108 -8.71 -29.36 5.03
CA CYS C 108 -7.36 -29.91 4.97
C CYS C 108 -7.46 -31.43 5.11
N GLU C 109 -6.83 -32.15 4.18
CA GLU C 109 -6.86 -33.61 4.19
C GLU C 109 -6.21 -34.20 5.43
N HIS C 110 -5.34 -33.42 6.07
CA HIS C 110 -4.64 -33.87 7.27
C HIS C 110 -5.46 -33.87 8.55
N HIS C 111 -6.32 -32.87 8.72
CA HIS C 111 -7.14 -32.76 9.95
C HIS C 111 -8.64 -32.70 9.73
N LEU C 112 -9.07 -32.59 8.47
CA LEU C 112 -10.49 -32.49 8.16
C LEU C 112 -11.13 -31.25 8.81
N LEU C 113 -10.34 -30.18 8.87
CA LEU C 113 -10.78 -28.91 9.41
C LEU C 113 -10.70 -27.90 8.26
N PRO C 114 -11.62 -26.93 8.23
CA PRO C 114 -11.62 -25.95 7.15
C PRO C 114 -10.42 -25.01 7.05
N PHE C 115 -10.12 -24.62 5.82
CA PHE C 115 -9.09 -23.63 5.53
C PHE C 115 -9.74 -22.82 4.42
N PHE C 116 -9.66 -21.51 4.53
CA PHE C 116 -10.32 -20.64 3.57
C PHE C 116 -9.65 -19.30 3.34
N GLY C 117 -10.09 -18.61 2.29
CA GLY C 117 -9.53 -17.32 1.94
C GLY C 117 -9.98 -16.89 0.57
N LYS C 118 -9.01 -16.52 -0.26
CA LYS C 118 -9.33 -16.06 -1.61
C LYS C 118 -8.37 -16.59 -2.67
N VAL C 119 -8.88 -16.71 -3.88
CA VAL C 119 -8.10 -17.18 -5.02
C VAL C 119 -8.09 -16.03 -6.03
N HIS C 120 -6.90 -15.74 -6.56
CA HIS C 120 -6.72 -14.69 -7.54
C HIS C 120 -6.22 -15.37 -8.80
N ILE C 121 -6.84 -15.06 -9.92
CA ILE C 121 -6.49 -15.67 -11.20
C ILE C 121 -6.11 -14.64 -12.25
N GLY C 122 -5.04 -14.94 -12.98
CA GLY C 122 -4.60 -14.04 -14.05
C GLY C 122 -4.22 -14.87 -15.26
N TYR C 123 -4.52 -14.36 -16.44
CA TYR C 123 -4.18 -15.08 -17.65
C TYR C 123 -4.13 -14.19 -18.88
N ILE C 124 -3.36 -14.62 -19.87
CA ILE C 124 -3.24 -13.91 -21.12
C ILE C 124 -3.84 -14.87 -22.15
N PRO C 125 -4.96 -14.48 -22.77
CA PRO C 125 -5.61 -15.33 -23.77
C PRO C 125 -4.83 -15.57 -25.05
N ASP C 126 -5.24 -16.62 -25.76
CA ASP C 126 -4.66 -16.99 -27.04
C ASP C 126 -5.88 -17.23 -27.93
N GLY C 127 -6.64 -16.15 -28.14
CA GLY C 127 -7.84 -16.22 -28.96
C GLY C 127 -9.13 -16.56 -28.23
N LYS C 128 -9.04 -17.04 -26.99
CA LYS C 128 -10.23 -17.41 -26.23
C LYS C 128 -10.25 -16.90 -24.79
N ILE C 129 -11.37 -16.32 -24.39
CA ILE C 129 -11.54 -15.83 -23.02
C ILE C 129 -12.66 -16.61 -22.34
N LEU C 130 -12.55 -16.74 -21.01
CA LEU C 130 -13.54 -17.49 -20.24
C LEU C 130 -14.58 -16.58 -19.58
N GLY C 131 -15.79 -17.12 -19.43
CA GLY C 131 -16.85 -16.38 -18.76
C GLY C 131 -16.37 -16.22 -17.33
N LEU C 132 -16.37 -14.98 -16.83
CA LEU C 132 -15.88 -14.69 -15.48
C LEU C 132 -16.32 -15.61 -14.35
N SER C 133 -17.61 -15.93 -14.29
CA SER C 133 -18.13 -16.79 -13.23
C SER C 133 -17.57 -18.22 -13.28
N LYS C 134 -17.14 -18.66 -14.45
CA LYS C 134 -16.60 -20.01 -14.59
C LYS C 134 -15.32 -20.21 -13.78
N PHE C 135 -14.59 -19.12 -13.55
CA PHE C 135 -13.37 -19.19 -12.75
C PHE C 135 -13.75 -19.58 -11.33
N ALA C 136 -14.84 -19.01 -10.84
CA ALA C 136 -15.33 -19.30 -9.49
C ALA C 136 -15.82 -20.75 -9.42
N ARG C 137 -16.50 -21.19 -10.48
CA ARG C 137 -17.01 -22.55 -10.53
C ARG C 137 -15.85 -23.56 -10.54
N ILE C 138 -14.75 -23.21 -11.19
CA ILE C 138 -13.57 -24.08 -11.21
C ILE C 138 -12.93 -24.09 -9.82
N VAL C 139 -12.89 -22.94 -9.16
CA VAL C 139 -12.33 -22.84 -7.82
C VAL C 139 -13.13 -23.75 -6.88
N ASP C 140 -14.45 -23.65 -6.92
CA ASP C 140 -15.31 -24.47 -6.07
C ASP C 140 -15.16 -25.97 -6.37
N MET C 141 -14.94 -26.31 -7.63
CA MET C 141 -14.78 -27.71 -8.03
C MET C 141 -13.61 -28.39 -7.33
N PHE C 142 -12.50 -27.67 -7.22
CA PHE C 142 -11.32 -28.22 -6.57
C PHE C 142 -11.24 -27.92 -5.07
N ALA C 143 -11.95 -26.88 -4.64
CA ALA C 143 -11.97 -26.50 -3.22
C ALA C 143 -12.86 -27.41 -2.39
N ARG C 144 -13.96 -27.87 -2.99
CA ARG C 144 -14.89 -28.76 -2.28
C ARG C 144 -14.43 -30.20 -2.35
N ARG C 145 -13.27 -30.42 -1.74
CA ARG C 145 -12.60 -31.72 -1.67
C ARG C 145 -11.69 -31.65 -0.44
N LEU C 146 -11.01 -32.75 -0.14
CA LEU C 146 -10.05 -32.75 0.95
C LEU C 146 -8.82 -32.24 0.21
N GLN C 147 -8.16 -31.22 0.76
CA GLN C 147 -7.04 -30.62 0.07
C GLN C 147 -5.79 -30.28 0.86
N VAL C 148 -4.83 -29.76 0.10
CA VAL C 148 -3.53 -29.27 0.54
C VAL C 148 -3.52 -27.97 -0.29
N GLN C 149 -3.25 -26.84 0.35
CA GLN C 149 -3.28 -25.56 -0.37
C GLN C 149 -2.34 -25.48 -1.57
N GLU C 150 -1.20 -26.13 -1.49
CA GLU C 150 -0.23 -26.14 -2.58
C GLU C 150 -0.84 -26.81 -3.81
N ARG C 151 -1.63 -27.87 -3.58
CA ARG C 151 -2.28 -28.60 -4.67
C ARG C 151 -3.44 -27.84 -5.27
N LEU C 152 -4.21 -27.18 -4.41
CA LEU C 152 -5.37 -26.40 -4.84
C LEU C 152 -5.01 -25.38 -5.92
N ALA C 153 -3.92 -24.65 -5.71
CA ALA C 153 -3.46 -23.65 -6.66
C ALA C 153 -3.07 -24.29 -8.00
N VAL C 154 -2.37 -25.43 -7.92
CA VAL C 154 -1.93 -26.15 -9.12
C VAL C 154 -3.11 -26.67 -9.93
N GLN C 155 -4.06 -27.33 -9.27
CA GLN C 155 -5.22 -27.87 -9.96
C GLN C 155 -6.08 -26.82 -10.64
N ILE C 156 -6.26 -25.67 -9.99
CA ILE C 156 -7.05 -24.58 -10.55
C ILE C 156 -6.36 -24.06 -11.82
N ALA C 157 -5.04 -23.90 -11.75
CA ALA C 157 -4.27 -23.41 -12.88
C ALA C 157 -4.33 -24.37 -14.06
N GLU C 158 -4.17 -25.67 -13.78
CA GLU C 158 -4.22 -26.69 -14.83
C GLU C 158 -5.57 -26.75 -15.50
N ALA C 159 -6.64 -26.62 -14.71
CA ALA C 159 -7.99 -26.63 -15.24
C ALA C 159 -8.19 -25.50 -16.24
N ILE C 160 -7.76 -24.30 -15.86
CA ILE C 160 -7.89 -23.12 -16.71
C ILE C 160 -7.06 -23.30 -17.99
N GLN C 161 -5.85 -23.83 -17.85
CA GLN C 161 -4.95 -24.07 -18.97
C GLN C 161 -5.58 -25.04 -19.96
N GLU C 162 -6.22 -26.09 -19.44
CA GLU C 162 -6.87 -27.11 -20.26
C GLU C 162 -8.08 -26.57 -21.01
N VAL C 163 -8.85 -25.71 -20.35
CA VAL C 163 -10.06 -25.13 -20.94
C VAL C 163 -9.82 -24.01 -21.97
N LEU C 164 -8.85 -23.13 -21.70
CA LEU C 164 -8.59 -22.02 -22.60
C LEU C 164 -7.34 -22.12 -23.46
N GLU C 165 -6.38 -22.92 -23.01
CA GLU C 165 -5.10 -23.06 -23.72
C GLU C 165 -4.57 -21.65 -24.00
N PRO C 166 -4.50 -20.81 -22.96
CA PRO C 166 -4.02 -19.43 -23.11
C PRO C 166 -2.49 -19.41 -23.18
N GLN C 167 -1.94 -18.22 -23.41
CA GLN C 167 -0.50 -18.08 -23.47
C GLN C 167 0.13 -18.40 -22.10
N GLY C 168 -0.67 -18.24 -21.05
CA GLY C 168 -0.20 -18.53 -19.71
C GLY C 168 -1.27 -18.24 -18.67
N VAL C 169 -1.16 -18.88 -17.52
CA VAL C 169 -2.12 -18.70 -16.43
C VAL C 169 -1.37 -18.61 -15.12
N GLY C 170 -1.88 -17.76 -14.22
CA GLY C 170 -1.27 -17.60 -12.91
C GLY C 170 -2.35 -17.69 -11.85
N VAL C 171 -2.13 -18.50 -10.84
CA VAL C 171 -3.10 -18.66 -9.76
C VAL C 171 -2.43 -18.46 -8.41
N VAL C 172 -3.02 -17.61 -7.58
CA VAL C 172 -2.50 -17.34 -6.25
C VAL C 172 -3.61 -17.64 -5.25
N VAL C 173 -3.32 -18.50 -4.27
CA VAL C 173 -4.29 -18.86 -3.24
C VAL C 173 -3.75 -18.37 -1.90
N GLU C 174 -4.59 -17.62 -1.17
CA GLU C 174 -4.19 -17.13 0.13
C GLU C 174 -5.27 -17.51 1.13
N GLY C 175 -4.89 -18.27 2.15
CA GLY C 175 -5.88 -18.68 3.12
C GLY C 175 -5.40 -18.84 4.55
N VAL C 176 -6.36 -18.97 5.45
CA VAL C 176 -6.09 -19.17 6.86
C VAL C 176 -6.55 -20.60 7.17
N HIS C 177 -5.77 -21.31 7.98
CA HIS C 177 -6.07 -22.69 8.32
C HIS C 177 -6.47 -22.86 9.76
N LEU C 178 -7.70 -23.31 9.99
CA LEU C 178 -8.21 -23.51 11.34
C LEU C 178 -7.44 -24.57 12.11
N CYS C 179 -6.83 -25.52 11.40
CA CYS C 179 -6.08 -26.58 12.06
C CYS C 179 -4.88 -26.03 12.82
N MET C 180 -4.43 -24.83 12.46
CA MET C 180 -3.31 -24.22 13.17
C MET C 180 -3.75 -22.98 13.96
N MET C 181 -5.05 -22.70 13.95
CA MET C 181 -5.61 -21.56 14.66
C MET C 181 -6.44 -21.99 15.87
N MET C 182 -7.32 -22.98 15.67
CA MET C 182 -8.17 -23.46 16.75
C MET C 182 -7.61 -24.68 17.49
N ARG C 183 -6.41 -25.09 17.10
CA ARG C 183 -5.74 -26.22 17.72
C ARG C 183 -4.26 -26.24 17.35
N GLY C 184 -3.54 -27.23 17.88
CA GLY C 184 -2.12 -27.34 17.59
C GLY C 184 -1.34 -26.14 18.08
N VAL C 185 -0.63 -25.48 17.18
CA VAL C 185 0.17 -24.31 17.53
C VAL C 185 -0.69 -23.12 17.96
N GLU C 186 -1.95 -23.12 17.53
CA GLU C 186 -2.89 -22.04 17.86
C GLU C 186 -2.39 -20.64 17.51
N LYS C 187 -1.71 -20.52 16.37
CA LYS C 187 -1.23 -19.22 15.90
C LYS C 187 -2.44 -18.47 15.36
N GLN C 188 -2.49 -17.17 15.62
CA GLN C 188 -3.62 -16.35 15.21
C GLN C 188 -3.47 -15.39 14.03
N HIS C 189 -2.25 -14.89 13.81
CA HIS C 189 -2.01 -13.92 12.75
C HIS C 189 -1.50 -14.46 11.42
N SER C 190 -1.30 -15.78 11.34
CA SER C 190 -0.74 -16.38 10.13
C SER C 190 -1.68 -16.61 8.94
N ARG C 191 -1.14 -16.42 7.74
CA ARG C 191 -1.86 -16.63 6.48
C ARG C 191 -0.86 -17.30 5.54
N THR C 192 -1.36 -18.20 4.69
CA THR C 192 -0.48 -18.90 3.76
C THR C 192 -0.81 -18.61 2.31
N VAL C 193 0.24 -18.36 1.54
CA VAL C 193 0.11 -18.08 0.11
C VAL C 193 0.79 -19.18 -0.68
N THR C 194 0.06 -19.72 -1.65
CA THR C 194 0.58 -20.75 -2.53
C THR C 194 0.22 -20.27 -3.93
N SER C 195 0.94 -20.76 -4.94
CA SER C 195 0.65 -20.34 -6.30
C SER C 195 1.04 -21.36 -7.34
N ALA C 196 0.64 -21.08 -8.57
CA ALA C 196 0.94 -21.93 -9.71
C ALA C 196 1.02 -21.03 -10.92
N MET C 197 2.13 -21.12 -11.64
CA MET C 197 2.37 -20.30 -12.82
C MET C 197 2.63 -21.21 -14.02
N LEU C 198 1.85 -21.02 -15.08
CA LEU C 198 1.96 -21.82 -16.29
C LEU C 198 2.15 -20.92 -17.50
N GLY C 199 2.80 -21.46 -18.54
CA GLY C 199 3.03 -20.70 -19.76
C GLY C 199 3.86 -19.44 -19.56
N VAL C 200 3.40 -18.33 -20.13
CA VAL C 200 4.11 -17.07 -20.02
C VAL C 200 4.22 -16.56 -18.57
N PHE C 201 3.34 -17.04 -17.70
CA PHE C 201 3.38 -16.62 -16.30
C PHE C 201 4.56 -17.27 -15.58
N ARG C 202 5.03 -18.40 -16.10
CA ARG C 202 6.18 -19.09 -15.52
C ARG C 202 7.46 -18.64 -16.22
N GLU C 203 7.37 -18.52 -17.54
CA GLU C 203 8.48 -18.12 -18.39
C GLU C 203 8.90 -16.66 -18.26
N ASN C 204 7.95 -15.77 -18.56
CA ASN C 204 8.19 -14.33 -18.53
C ASN C 204 8.15 -13.73 -17.12
N GLN C 205 9.29 -13.23 -16.70
CA GLN C 205 9.47 -12.61 -15.39
C GLN C 205 8.56 -11.39 -15.22
N LYS C 206 8.54 -10.54 -16.24
CA LYS C 206 7.74 -9.31 -16.24
C LYS C 206 6.23 -9.58 -16.19
N THR C 207 5.80 -10.66 -16.85
CA THR C 207 4.39 -11.00 -16.85
C THR C 207 3.93 -11.42 -15.46
N ARG C 208 4.71 -12.28 -14.80
CA ARG C 208 4.38 -12.74 -13.46
C ARG C 208 4.36 -11.55 -12.50
N GLU C 209 5.34 -10.66 -12.62
CA GLU C 209 5.43 -9.48 -11.77
C GLU C 209 4.21 -8.60 -11.93
N GLU C 210 3.84 -8.34 -13.19
CA GLU C 210 2.67 -7.51 -13.48
C GLU C 210 1.41 -8.09 -12.86
N PHE C 211 1.26 -9.41 -12.94
CA PHE C 211 0.10 -10.11 -12.36
C PHE C 211 0.09 -9.93 -10.85
N LEU C 212 1.21 -10.20 -10.21
CA LEU C 212 1.33 -10.08 -8.76
C LEU C 212 1.14 -8.64 -8.28
N SER C 213 1.56 -7.67 -9.09
CA SER C 213 1.41 -6.26 -8.74
C SER C 213 -0.05 -5.84 -8.73
N HIS C 214 -0.85 -6.44 -9.62
CA HIS C 214 -2.28 -6.13 -9.68
C HIS C 214 -2.98 -6.56 -8.40
N LEU C 215 -2.46 -7.59 -7.75
CA LEU C 215 -3.04 -8.11 -6.51
C LEU C 215 -2.74 -7.22 -5.31
N ARG C 216 -1.66 -6.44 -5.42
CA ARG C 216 -1.25 -5.53 -4.36
C ARG C 216 -2.11 -4.27 -4.37
N GLU D 32 14.00 -30.43 34.06
CA GLU D 32 15.20 -29.85 33.39
C GLU D 32 15.80 -28.69 34.19
N VAL D 33 15.09 -27.56 34.22
CA VAL D 33 15.56 -26.40 34.98
C VAL D 33 15.11 -26.53 36.44
N ASP D 34 15.99 -26.13 37.35
CA ASP D 34 15.69 -26.19 38.78
C ASP D 34 14.72 -25.09 39.19
N LEU D 35 13.44 -25.44 39.25
CA LEU D 35 12.40 -24.49 39.62
C LEU D 35 12.57 -23.95 41.04
N GLU D 36 13.13 -24.76 41.94
CA GLU D 36 13.34 -24.35 43.32
C GLU D 36 14.38 -23.23 43.43
N ARG D 37 15.45 -23.34 42.62
CA ARG D 37 16.48 -22.32 42.65
C ARG D 37 15.96 -21.02 42.02
N LEU D 38 15.18 -21.16 40.95
CA LEU D 38 14.60 -19.99 40.29
C LEU D 38 13.66 -19.26 41.26
N GLN D 39 12.87 -20.03 42.00
CA GLN D 39 11.94 -19.45 42.97
C GLN D 39 12.67 -18.67 44.05
N ALA D 40 13.77 -19.25 44.54
CA ALA D 40 14.57 -18.60 45.58
C ALA D 40 15.21 -17.31 45.05
N LEU D 41 15.67 -17.35 43.80
CA LEU D 41 16.28 -16.19 43.17
C LEU D 41 15.25 -15.09 42.97
N ALA D 42 14.06 -15.48 42.54
CA ALA D 42 12.97 -14.55 42.29
C ALA D 42 12.46 -13.91 43.59
N ALA D 43 12.38 -14.71 44.65
CA ALA D 43 11.94 -14.21 45.95
C ALA D 43 12.88 -13.13 46.46
N GLU D 44 14.18 -13.33 46.26
CA GLU D 44 15.16 -12.36 46.71
C GLU D 44 15.14 -11.14 45.80
N TRP D 45 14.85 -11.36 44.52
CA TRP D 45 14.79 -10.29 43.53
C TRP D 45 13.72 -9.29 44.00
N LEU D 46 12.58 -9.82 44.44
CA LEU D 46 11.48 -8.99 44.93
C LEU D 46 11.94 -8.12 46.10
N GLN D 47 12.72 -8.70 47.01
CA GLN D 47 13.22 -7.95 48.16
C GLN D 47 14.17 -6.84 47.78
N VAL D 48 15.18 -7.16 46.97
CA VAL D 48 16.19 -6.19 46.55
C VAL D 48 15.64 -4.97 45.79
N ILE D 49 14.64 -5.18 44.95
CA ILE D 49 14.06 -4.06 44.19
C ILE D 49 13.15 -3.17 45.04
N GLY D 50 12.97 -3.55 46.29
CA GLY D 50 12.15 -2.76 47.21
C GLY D 50 10.77 -3.29 47.53
N GLU D 51 10.44 -4.50 47.10
CA GLU D 51 9.12 -5.07 47.37
C GLU D 51 9.04 -5.98 48.59
N ASP D 52 7.82 -6.41 48.90
CA ASP D 52 7.55 -7.29 50.03
C ASP D 52 7.01 -8.64 49.57
N PRO D 53 7.86 -9.68 49.57
CA PRO D 53 7.48 -11.04 49.16
C PRO D 53 6.31 -11.56 49.99
N GLY D 54 6.11 -10.96 51.15
CA GLY D 54 5.02 -11.34 52.03
C GLY D 54 3.66 -10.78 51.64
N ARG D 55 3.65 -9.81 50.72
CA ARG D 55 2.42 -9.19 50.22
C ARG D 55 1.50 -10.25 49.65
N GLU D 56 0.18 -10.05 49.82
CA GLU D 56 -0.82 -10.98 49.30
C GLU D 56 -0.63 -11.19 47.80
N GLY D 57 -0.40 -10.08 47.08
CA GLY D 57 -0.22 -10.15 45.64
C GLY D 57 1.08 -10.75 45.15
N LEU D 58 2.05 -10.91 46.04
CA LEU D 58 3.35 -11.46 45.66
C LEU D 58 3.64 -12.86 46.22
N LEU D 59 2.73 -13.37 47.06
CA LEU D 59 2.92 -14.69 47.68
C LEU D 59 3.28 -15.83 46.73
N LYS D 60 2.55 -15.96 45.62
CA LYS D 60 2.84 -17.02 44.66
C LYS D 60 3.69 -16.57 43.47
N THR D 61 4.17 -15.33 43.51
CA THR D 61 4.97 -14.80 42.41
C THR D 61 6.27 -15.57 42.12
N PRO D 62 7.10 -15.86 43.14
CA PRO D 62 8.35 -16.60 42.86
C PRO D 62 8.07 -17.90 42.10
N GLU D 63 7.00 -18.58 42.48
CA GLU D 63 6.59 -19.82 41.87
C GLU D 63 6.13 -19.59 40.41
N ARG D 64 5.29 -18.59 40.22
CA ARG D 64 4.78 -18.24 38.88
C ARG D 64 5.92 -17.81 37.95
N VAL D 65 6.87 -17.06 38.48
CA VAL D 65 8.01 -16.58 37.68
C VAL D 65 8.92 -17.73 37.26
N ALA D 66 9.16 -18.68 38.16
CA ALA D 66 10.01 -19.83 37.84
C ALA D 66 9.41 -20.68 36.72
N LYS D 67 8.12 -20.98 36.82
CA LYS D 67 7.46 -21.79 35.81
C LYS D 67 7.44 -21.05 34.47
N ALA D 68 7.22 -19.74 34.52
CA ALA D 68 7.18 -18.91 33.33
C ALA D 68 8.49 -18.98 32.56
N TRP D 69 9.61 -18.78 33.26
CA TRP D 69 10.93 -18.82 32.63
C TRP D 69 11.30 -20.20 32.13
N ALA D 70 10.75 -21.23 32.75
CA ALA D 70 11.00 -22.60 32.34
C ALA D 70 10.36 -22.76 30.96
N PHE D 71 9.17 -22.19 30.82
CA PHE D 71 8.42 -22.23 29.56
C PHE D 71 9.10 -21.34 28.51
N LEU D 72 9.53 -20.14 28.94
CA LEU D 72 10.16 -19.18 28.04
C LEU D 72 11.54 -19.59 27.50
N THR D 73 12.15 -20.60 28.13
CA THR D 73 13.46 -21.08 27.70
C THR D 73 13.37 -22.53 27.21
N ARG D 74 12.14 -23.03 27.07
CA ARG D 74 11.89 -24.40 26.64
C ARG D 74 12.47 -24.73 25.27
N GLY D 75 12.73 -23.69 24.46
CA GLY D 75 13.29 -23.90 23.14
C GLY D 75 14.67 -24.52 23.13
N TYR D 76 15.45 -24.26 24.18
CA TYR D 76 16.79 -24.81 24.31
C TYR D 76 16.75 -26.33 24.41
N ARG D 77 15.69 -26.86 25.02
CA ARG D 77 15.53 -28.30 25.21
C ARG D 77 14.73 -29.05 24.15
N GLN D 78 14.38 -28.39 23.06
CA GLN D 78 13.61 -29.05 22.01
C GLN D 78 14.47 -29.63 20.89
N ARG D 79 13.95 -30.66 20.23
CA ARG D 79 14.68 -31.31 19.14
C ARG D 79 13.93 -31.09 17.83
N LEU D 80 14.64 -30.54 16.84
CA LEU D 80 14.06 -30.26 15.53
C LEU D 80 13.30 -31.43 14.93
N GLU D 81 13.87 -32.63 15.03
CA GLU D 81 13.23 -33.83 14.49
C GLU D 81 11.85 -34.08 15.11
N GLU D 82 11.74 -33.82 16.41
CA GLU D 82 10.48 -34.01 17.14
C GLU D 82 9.51 -32.88 16.85
N VAL D 83 10.06 -31.69 16.66
CA VAL D 83 9.26 -30.50 16.36
C VAL D 83 8.52 -30.68 15.03
N VAL D 84 9.23 -31.20 14.04
CA VAL D 84 8.66 -31.44 12.70
C VAL D 84 7.66 -32.60 12.72
N GLY D 85 7.89 -33.57 13.61
CA GLY D 85 7.01 -34.71 13.74
C GLY D 85 6.77 -35.48 12.46
N GLY D 86 7.80 -35.57 11.61
CA GLY D 86 7.69 -36.28 10.35
C GLY D 86 6.64 -35.74 9.41
N ALA D 87 6.27 -34.48 9.57
CA ALA D 87 5.27 -33.85 8.71
C ALA D 87 5.87 -33.23 7.46
N VAL D 88 6.59 -34.05 6.71
CA VAL D 88 7.22 -33.64 5.46
C VAL D 88 6.53 -34.44 4.36
N PHE D 89 5.87 -33.74 3.45
CA PHE D 89 5.12 -34.38 2.37
C PHE D 89 5.73 -34.08 1.00
N PRO D 90 5.34 -34.87 -0.02
CA PRO D 90 5.86 -34.65 -1.38
C PRO D 90 5.32 -33.35 -1.97
N ALA D 91 6.18 -32.64 -2.70
CA ALA D 91 5.80 -31.36 -3.31
C ALA D 91 4.64 -31.52 -4.31
N GLU D 92 3.80 -30.49 -4.38
CA GLU D 92 2.65 -30.48 -5.27
C GLU D 92 2.91 -29.60 -6.50
N GLY D 93 3.86 -28.68 -6.35
CA GLY D 93 4.22 -27.77 -7.43
C GLY D 93 5.63 -27.23 -7.26
N SER D 94 6.00 -26.30 -8.12
CA SER D 94 7.35 -25.71 -8.08
C SER D 94 7.39 -24.29 -7.54
N GLU D 95 6.24 -23.63 -7.48
CA GLU D 95 6.16 -22.26 -7.01
C GLU D 95 6.45 -22.13 -5.51
N MET D 96 6.89 -20.94 -5.09
CA MET D 96 7.20 -20.74 -3.69
C MET D 96 5.95 -20.75 -2.82
N VAL D 97 6.15 -21.20 -1.58
CA VAL D 97 5.10 -21.25 -0.58
C VAL D 97 5.49 -20.16 0.41
N VAL D 98 4.53 -19.31 0.76
CA VAL D 98 4.79 -18.23 1.71
C VAL D 98 3.85 -18.35 2.90
N VAL D 99 4.45 -18.52 4.08
CA VAL D 99 3.69 -18.61 5.32
C VAL D 99 4.03 -17.33 6.08
N LYS D 100 3.12 -16.37 6.05
CA LYS D 100 3.37 -15.09 6.72
C LYS D 100 2.57 -14.86 7.99
N GLY D 101 3.00 -13.86 8.76
CA GLY D 101 2.29 -13.50 9.97
C GLY D 101 2.38 -14.47 11.14
N VAL D 102 3.43 -15.29 11.20
CA VAL D 102 3.55 -16.20 12.35
C VAL D 102 4.06 -15.36 13.53
N GLU D 103 3.16 -15.07 14.48
CA GLU D 103 3.54 -14.26 15.63
C GLU D 103 4.58 -14.99 16.48
N PHE D 104 5.52 -14.23 17.03
CA PHE D 104 6.57 -14.80 17.87
C PHE D 104 6.82 -13.91 19.08
N TYR D 105 7.34 -14.51 20.14
CA TYR D 105 7.69 -13.79 21.35
C TYR D 105 9.02 -14.36 21.82
N SER D 106 9.97 -13.47 22.13
CA SER D 106 11.28 -13.91 22.58
C SER D 106 11.80 -12.97 23.67
N MET D 107 13.00 -13.25 24.15
CA MET D 107 13.62 -12.43 25.20
C MET D 107 15.00 -12.02 24.68
N CYS D 108 15.33 -10.74 24.79
CA CYS D 108 16.64 -10.29 24.32
C CYS D 108 17.70 -10.72 25.33
N GLU D 109 18.76 -11.35 24.84
CA GLU D 109 19.83 -11.82 25.72
C GLU D 109 20.56 -10.70 26.45
N HIS D 110 20.44 -9.47 25.94
CA HIS D 110 21.11 -8.32 26.56
C HIS D 110 20.43 -7.78 27.81
N HIS D 111 19.10 -7.71 27.80
CA HIS D 111 18.35 -7.16 28.93
C HIS D 111 17.34 -8.12 29.56
N LEU D 112 17.14 -9.28 28.94
CA LEU D 112 16.16 -10.25 29.43
C LEU D 112 14.75 -9.65 29.45
N LEU D 113 14.48 -8.81 28.45
CA LEU D 113 13.17 -8.18 28.28
C LEU D 113 12.62 -8.69 26.95
N PRO D 114 11.30 -8.86 26.86
CA PRO D 114 10.67 -9.36 25.64
C PRO D 114 10.78 -8.50 24.39
N PHE D 115 10.85 -9.18 23.25
CA PHE D 115 10.83 -8.54 21.94
C PHE D 115 9.92 -9.48 21.17
N PHE D 116 8.99 -8.91 20.41
CA PHE D 116 8.02 -9.74 19.70
C PHE D 116 7.52 -9.12 18.41
N GLY D 117 6.85 -9.94 17.62
CA GLY D 117 6.31 -9.48 16.34
C GLY D 117 5.86 -10.63 15.50
N LYS D 118 6.29 -10.65 14.24
CA LYS D 118 5.91 -11.71 13.32
C LYS D 118 7.09 -12.22 12.53
N VAL D 119 6.96 -13.46 12.07
CA VAL D 119 7.98 -14.11 11.26
C VAL D 119 7.29 -14.52 9.95
N HIS D 120 7.91 -14.19 8.84
CA HIS D 120 7.36 -14.53 7.52
C HIS D 120 8.36 -15.50 6.90
N ILE D 121 7.85 -16.60 6.35
CA ILE D 121 8.68 -17.61 5.74
C ILE D 121 8.30 -17.92 4.30
N GLY D 122 9.30 -17.96 3.44
CA GLY D 122 9.06 -18.27 2.04
C GLY D 122 10.06 -19.32 1.58
N TYR D 123 9.61 -20.27 0.77
CA TYR D 123 10.51 -21.30 0.27
C TYR D 123 10.02 -21.93 -1.03
N ILE D 124 10.98 -22.43 -1.79
CA ILE D 124 10.72 -23.12 -3.05
C ILE D 124 11.18 -24.54 -2.78
N PRO D 125 10.25 -25.50 -2.82
CA PRO D 125 10.56 -26.90 -2.56
C PRO D 125 11.39 -27.58 -3.63
N ASP D 126 11.91 -28.75 -3.26
CA ASP D 126 12.70 -29.59 -4.16
C ASP D 126 12.21 -30.99 -3.84
N GLY D 127 10.93 -31.23 -4.15
CA GLY D 127 10.32 -32.52 -3.90
C GLY D 127 9.72 -32.69 -2.51
N LYS D 128 10.00 -31.75 -1.61
CA LYS D 128 9.50 -31.82 -0.24
C LYS D 128 8.87 -30.53 0.29
N ILE D 129 7.69 -30.65 0.88
CA ILE D 129 7.00 -29.52 1.48
C ILE D 129 6.72 -29.85 2.94
N LEU D 130 6.75 -28.83 3.80
CA LEU D 130 6.53 -29.02 5.23
C LEU D 130 5.09 -28.76 5.65
N GLY D 131 4.66 -29.41 6.74
CA GLY D 131 3.32 -29.18 7.25
C GLY D 131 3.32 -27.73 7.70
N LEU D 132 2.29 -26.98 7.31
CA LEU D 132 2.22 -25.56 7.66
C LEU D 132 2.47 -25.22 9.12
N SER D 133 1.80 -25.93 10.03
CA SER D 133 1.96 -25.66 11.46
C SER D 133 3.38 -25.90 11.96
N LYS D 134 4.13 -26.77 11.28
CA LYS D 134 5.49 -27.06 11.71
C LYS D 134 6.41 -25.84 11.60
N PHE D 135 6.05 -24.89 10.73
CA PHE D 135 6.84 -23.67 10.59
C PHE D 135 6.73 -22.88 11.89
N ALA D 136 5.52 -22.84 12.44
CA ALA D 136 5.25 -22.14 13.69
C ALA D 136 5.98 -22.82 14.85
N ARG D 137 5.99 -24.16 14.83
CA ARG D 137 6.69 -24.91 15.87
C ARG D 137 8.19 -24.64 15.83
N ILE D 138 8.73 -24.47 14.63
CA ILE D 138 10.16 -24.18 14.47
C ILE D 138 10.43 -22.77 14.99
N VAL D 139 9.52 -21.84 14.69
CA VAL D 139 9.65 -20.46 15.15
C VAL D 139 9.69 -20.44 16.68
N ASP D 140 8.74 -21.10 17.33
CA ASP D 140 8.69 -21.16 18.78
C ASP D 140 9.91 -21.82 19.40
N MET D 141 10.45 -22.82 18.71
CA MET D 141 11.62 -23.54 19.20
C MET D 141 12.82 -22.59 19.38
N PHE D 142 13.00 -21.69 18.42
CA PHE D 142 14.12 -20.75 18.49
C PHE D 142 13.81 -19.44 19.20
N ALA D 143 12.53 -19.05 19.21
CA ALA D 143 12.12 -17.82 19.87
C ALA D 143 12.13 -17.97 21.40
N ARG D 144 11.76 -19.15 21.89
CA ARG D 144 11.72 -19.40 23.32
C ARG D 144 13.10 -19.73 23.89
N ARG D 145 13.98 -18.74 23.78
CA ARG D 145 15.36 -18.79 24.23
C ARG D 145 15.75 -17.33 24.45
N LEU D 146 16.99 -17.11 24.87
CA LEU D 146 17.50 -15.75 25.01
C LEU D 146 18.02 -15.53 23.59
N GLN D 147 17.67 -14.40 22.98
CA GLN D 147 18.05 -14.16 21.59
C GLN D 147 18.46 -12.74 21.19
N VAL D 148 18.86 -12.63 19.93
CA VAL D 148 19.19 -11.38 19.24
C VAL D 148 18.37 -11.61 17.96
N GLN D 149 17.61 -10.61 17.53
CA GLN D 149 16.74 -10.77 16.36
C GLN D 149 17.47 -11.21 15.08
N GLU D 150 18.71 -10.78 14.92
CA GLU D 150 19.52 -11.13 13.76
C GLU D 150 19.79 -12.63 13.71
N ARG D 151 20.02 -13.24 14.87
CA ARG D 151 20.28 -14.68 14.99
C ARG D 151 19.02 -15.50 14.80
N LEU D 152 17.93 -15.03 15.41
CA LEU D 152 16.64 -15.71 15.33
C LEU D 152 16.24 -16.00 13.89
N ALA D 153 16.43 -15.03 13.01
CA ALA D 153 16.09 -15.19 11.60
C ALA D 153 16.94 -16.26 10.94
N VAL D 154 18.24 -16.22 11.23
CA VAL D 154 19.19 -17.19 10.68
C VAL D 154 18.92 -18.63 11.13
N GLN D 155 18.67 -18.81 12.42
CA GLN D 155 18.41 -20.15 12.96
C GLN D 155 17.12 -20.77 12.43
N ILE D 156 16.09 -19.94 12.21
CA ILE D 156 14.82 -20.43 11.68
C ILE D 156 15.01 -20.92 10.25
N ALA D 157 15.70 -20.12 9.44
CA ALA D 157 15.96 -20.46 8.04
C ALA D 157 16.83 -21.72 7.92
N GLU D 158 17.84 -21.83 8.77
CA GLU D 158 18.74 -22.99 8.73
C GLU D 158 18.03 -24.28 9.12
N ALA D 159 17.06 -24.16 10.03
CA ALA D 159 16.28 -25.29 10.49
C ALA D 159 15.40 -25.79 9.34
N ILE D 160 14.77 -24.86 8.64
CA ILE D 160 13.90 -25.21 7.52
C ILE D 160 14.73 -25.84 6.39
N GLN D 161 15.94 -25.30 6.21
CA GLN D 161 16.87 -25.78 5.20
C GLN D 161 17.32 -27.21 5.51
N GLU D 162 17.40 -27.55 6.79
CA GLU D 162 17.83 -28.88 7.20
C GLU D 162 16.71 -29.91 7.07
N VAL D 163 15.53 -29.56 7.56
CA VAL D 163 14.35 -30.44 7.52
C VAL D 163 13.98 -30.77 6.08
N LEU D 164 13.71 -29.73 5.30
CA LEU D 164 13.39 -29.90 3.90
C LEU D 164 14.72 -29.69 3.20
N GLU D 165 14.79 -30.01 1.92
CA GLU D 165 16.01 -29.79 1.16
C GLU D 165 15.51 -28.93 0.01
N PRO D 166 14.98 -27.73 0.33
CA PRO D 166 14.45 -26.82 -0.69
C PRO D 166 15.52 -26.16 -1.54
N GLN D 167 15.08 -25.60 -2.66
CA GLN D 167 15.97 -24.90 -3.56
C GLN D 167 16.41 -23.61 -2.87
N GLY D 168 15.55 -23.09 -2.00
CA GLY D 168 15.86 -21.88 -1.27
C GLY D 168 14.85 -21.59 -0.17
N VAL D 169 15.28 -20.81 0.82
CA VAL D 169 14.41 -20.44 1.95
C VAL D 169 14.67 -18.98 2.30
N GLY D 170 13.59 -18.27 2.65
CA GLY D 170 13.71 -16.88 3.04
C GLY D 170 12.90 -16.68 4.31
N VAL D 171 13.50 -16.05 5.30
CA VAL D 171 12.84 -15.77 6.57
C VAL D 171 13.02 -14.30 6.94
N VAL D 172 11.91 -13.64 7.22
CA VAL D 172 11.93 -12.23 7.61
C VAL D 172 11.29 -12.12 8.99
N VAL D 173 11.99 -11.49 9.92
CA VAL D 173 11.49 -11.32 11.27
C VAL D 173 11.32 -9.82 11.50
N GLU D 174 10.13 -9.42 11.94
CA GLU D 174 9.89 -8.02 12.21
C GLU D 174 9.35 -7.93 13.63
N GLY D 175 10.03 -7.16 14.47
CA GLY D 175 9.57 -7.06 15.84
C GLY D 175 9.87 -5.76 16.57
N VAL D 176 9.19 -5.59 17.70
CA VAL D 176 9.39 -4.43 18.55
C VAL D 176 10.13 -4.93 19.78
N HIS D 177 11.01 -4.10 20.31
CA HIS D 177 11.81 -4.47 21.46
C HIS D 177 11.49 -3.64 22.69
N LEU D 178 11.01 -4.28 23.74
CA LEU D 178 10.68 -3.57 24.97
C LEU D 178 11.88 -2.90 25.63
N CYS D 179 13.09 -3.44 25.40
CA CYS D 179 14.27 -2.82 26.01
C CYS D 179 14.54 -1.45 25.39
N MET D 180 13.93 -1.18 24.23
CA MET D 180 14.06 0.11 23.55
C MET D 180 12.83 0.99 23.84
N MET D 181 11.72 0.34 24.20
CA MET D 181 10.47 1.05 24.46
C MET D 181 10.14 1.42 25.90
N MET D 182 10.32 0.50 26.84
CA MET D 182 9.99 0.78 28.24
C MET D 182 11.15 1.25 29.11
N ARG D 183 12.31 1.42 28.49
CA ARG D 183 13.51 1.89 29.19
C ARG D 183 14.53 2.38 28.18
N GLY D 184 15.69 2.81 28.67
CA GLY D 184 16.74 3.29 27.79
C GLY D 184 16.32 4.45 26.91
N VAL D 185 16.42 4.28 25.59
CA VAL D 185 16.04 5.34 24.67
C VAL D 185 14.55 5.66 24.65
N GLU D 186 13.74 4.72 25.12
CA GLU D 186 12.29 4.88 25.17
C GLU D 186 11.63 5.36 23.89
N LYS D 187 12.07 4.81 22.75
CA LYS D 187 11.50 5.17 21.46
C LYS D 187 10.23 4.34 21.31
N GLN D 188 9.16 4.97 20.83
CA GLN D 188 7.86 4.32 20.70
C GLN D 188 7.42 3.84 19.32
N HIS D 189 7.92 4.46 18.26
CA HIS D 189 7.49 4.10 16.91
C HIS D 189 8.39 3.14 16.14
N SER D 190 9.47 2.70 16.76
CA SER D 190 10.41 1.84 16.06
C SER D 190 10.14 0.34 16.07
N ARG D 191 10.53 -0.30 14.97
CA ARG D 191 10.44 -1.74 14.81
C ARG D 191 11.62 -2.18 13.97
N THR D 192 12.10 -3.41 14.19
CA THR D 192 13.26 -3.90 13.47
C THR D 192 12.99 -5.10 12.59
N VAL D 193 13.59 -5.07 11.40
CA VAL D 193 13.46 -6.13 10.43
C VAL D 193 14.82 -6.80 10.25
N THR D 194 14.84 -8.12 10.36
CA THR D 194 16.04 -8.90 10.16
C THR D 194 15.61 -10.02 9.23
N SER D 195 16.57 -10.63 8.54
CA SER D 195 16.23 -11.70 7.63
C SER D 195 17.42 -12.61 7.37
N ALA D 196 17.13 -13.72 6.68
CA ALA D 196 18.13 -14.70 6.32
C ALA D 196 17.65 -15.31 5.01
N MET D 197 18.52 -15.33 4.00
CA MET D 197 18.19 -15.86 2.69
C MET D 197 19.14 -17.01 2.36
N LEU D 198 18.57 -18.15 1.98
CA LEU D 198 19.38 -19.33 1.65
C LEU D 198 18.98 -19.91 0.30
N GLY D 199 19.94 -20.57 -0.34
CA GLY D 199 19.66 -21.18 -1.64
C GLY D 199 19.33 -20.12 -2.68
N VAL D 200 18.32 -20.38 -3.49
CA VAL D 200 17.91 -19.44 -4.54
C VAL D 200 17.42 -18.08 -4.03
N PHE D 201 17.00 -18.03 -2.76
CA PHE D 201 16.54 -16.77 -2.18
C PHE D 201 17.70 -15.80 -2.01
N ARG D 202 18.90 -16.36 -1.87
CA ARG D 202 20.12 -15.56 -1.73
C ARG D 202 20.72 -15.34 -3.11
N GLU D 203 20.70 -16.40 -3.91
CA GLU D 203 21.26 -16.40 -5.27
C GLU D 203 20.53 -15.50 -6.26
N ASN D 204 19.23 -15.74 -6.42
CA ASN D 204 18.42 -14.97 -7.37
C ASN D 204 17.68 -13.80 -6.72
N GLN D 205 18.01 -12.60 -7.17
CA GLN D 205 17.41 -11.37 -6.66
C GLN D 205 15.90 -11.28 -6.96
N LYS D 206 15.49 -11.82 -8.09
CA LYS D 206 14.09 -11.80 -8.50
C LYS D 206 13.23 -12.69 -7.62
N THR D 207 13.81 -13.78 -7.13
CA THR D 207 13.08 -14.70 -6.26
C THR D 207 12.89 -14.01 -4.91
N ARG D 208 13.96 -13.42 -4.39
CA ARG D 208 13.93 -12.71 -3.12
C ARG D 208 12.94 -11.55 -3.19
N GLU D 209 13.02 -10.78 -4.27
CA GLU D 209 12.14 -9.64 -4.49
C GLU D 209 10.67 -10.06 -4.53
N GLU D 210 10.41 -11.20 -5.17
CA GLU D 210 9.04 -11.72 -5.26
C GLU D 210 8.54 -12.14 -3.87
N PHE D 211 9.41 -12.74 -3.08
CA PHE D 211 9.07 -13.16 -1.72
C PHE D 211 8.72 -11.92 -0.89
N LEU D 212 9.59 -10.92 -0.96
CA LEU D 212 9.40 -9.68 -0.21
C LEU D 212 8.16 -8.91 -0.64
N SER D 213 7.83 -8.95 -1.93
CA SER D 213 6.65 -8.27 -2.45
C SER D 213 5.37 -8.88 -1.90
N HIS D 214 5.39 -10.20 -1.68
CA HIS D 214 4.24 -10.90 -1.12
C HIS D 214 3.94 -10.45 0.30
N LEU D 215 4.94 -9.89 0.97
CA LEU D 215 4.78 -9.43 2.35
C LEU D 215 4.20 -8.02 2.46
N ARG D 216 4.28 -7.25 1.38
CA ARG D 216 3.74 -5.89 1.38
C ARG D 216 2.26 -5.90 1.05
N VAL E 33 26.66 24.92 28.80
CA VAL E 33 25.67 25.99 28.50
C VAL E 33 25.33 26.78 29.76
N ASP E 34 25.42 28.11 29.65
CA ASP E 34 25.13 29.00 30.76
C ASP E 34 23.62 29.19 30.90
N LEU E 35 23.00 28.35 31.73
CA LEU E 35 21.56 28.41 31.97
C LEU E 35 21.09 29.77 32.48
N GLU E 36 21.91 30.38 33.32
CA GLU E 36 21.59 31.69 33.90
C GLU E 36 21.48 32.77 32.82
N ARG E 37 22.39 32.73 31.85
CA ARG E 37 22.36 33.70 30.77
C ARG E 37 21.16 33.45 29.84
N LEU E 38 20.85 32.19 29.58
CA LEU E 38 19.70 31.86 28.74
C LEU E 38 18.43 32.40 29.39
N GLN E 39 18.33 32.25 30.70
CA GLN E 39 17.17 32.73 31.46
C GLN E 39 16.99 34.24 31.29
N ALA E 40 18.09 34.99 31.39
CA ALA E 40 18.04 36.44 31.24
C ALA E 40 17.58 36.82 29.83
N LEU E 41 18.10 36.11 28.83
CA LEU E 41 17.73 36.37 27.44
C LEU E 41 16.24 36.06 27.23
N ALA E 42 15.79 34.97 27.83
CA ALA E 42 14.39 34.54 27.71
C ALA E 42 13.45 35.54 28.39
N ALA E 43 13.87 36.06 29.54
CA ALA E 43 13.06 37.03 30.27
C ALA E 43 12.84 38.28 29.43
N GLU E 44 13.91 38.74 28.78
CA GLU E 44 13.80 39.94 27.94
C GLU E 44 13.00 39.65 26.68
N TRP E 45 13.12 38.42 26.17
CA TRP E 45 12.40 38.03 24.96
C TRP E 45 10.91 38.19 25.24
N LEU E 46 10.48 37.73 26.41
CA LEU E 46 9.08 37.82 26.83
C LEU E 46 8.59 39.27 26.82
N GLN E 47 9.42 40.18 27.31
CA GLN E 47 9.08 41.61 27.36
C GLN E 47 8.97 42.25 25.98
N VAL E 48 9.95 41.99 25.13
CA VAL E 48 9.98 42.55 23.78
C VAL E 48 8.78 42.14 22.91
N ILE E 49 8.26 40.93 23.10
CA ILE E 49 7.11 40.49 22.32
C ILE E 49 5.80 41.00 22.91
N GLY E 50 5.90 41.75 24.01
CA GLY E 50 4.72 42.32 24.63
C GLY E 50 4.12 41.58 25.81
N GLU E 51 4.85 40.63 26.37
CA GLU E 51 4.36 39.87 27.51
C GLU E 51 4.88 40.39 28.85
N ASP E 52 4.37 39.80 29.93
CA ASP E 52 4.74 40.20 31.30
C ASP E 52 5.39 39.05 32.08
N PRO E 53 6.73 39.05 32.18
CA PRO E 53 7.49 38.01 32.90
C PRO E 53 7.06 37.87 34.35
N GLY E 54 6.42 38.92 34.86
CA GLY E 54 5.96 38.91 36.23
C GLY E 54 4.62 38.25 36.50
N ARG E 55 3.83 37.98 35.45
CA ARG E 55 2.54 37.33 35.67
C ARG E 55 2.76 35.87 36.03
N GLU E 56 1.84 35.34 36.84
CA GLU E 56 1.92 33.97 37.35
C GLU E 56 2.30 32.87 36.35
N GLY E 57 1.65 32.85 35.20
CA GLY E 57 1.95 31.83 34.20
C GLY E 57 3.33 31.87 33.58
N LEU E 58 4.02 33.00 33.73
CA LEU E 58 5.36 33.16 33.17
C LEU E 58 6.50 33.23 34.18
N LEU E 59 6.18 33.21 35.48
CA LEU E 59 7.21 33.28 36.51
C LEU E 59 8.41 32.36 36.30
N LYS E 60 8.16 31.07 36.13
CA LYS E 60 9.25 30.11 35.92
C LYS E 60 9.59 29.82 34.47
N THR E 61 8.99 30.56 33.55
CA THR E 61 9.23 30.35 32.11
C THR E 61 10.68 30.56 31.69
N PRO E 62 11.32 31.68 32.08
CA PRO E 62 12.72 31.85 31.66
C PRO E 62 13.58 30.66 32.07
N GLU E 63 13.35 30.14 33.27
CA GLU E 63 14.10 28.98 33.77
C GLU E 63 13.79 27.72 32.95
N ARG E 64 12.50 27.48 32.71
CA ARG E 64 12.07 26.33 31.93
C ARG E 64 12.61 26.37 30.51
N VAL E 65 12.56 27.54 29.88
CA VAL E 65 13.06 27.70 28.51
C VAL E 65 14.56 27.46 28.45
N ALA E 66 15.29 27.95 29.46
CA ALA E 66 16.74 27.77 29.50
C ALA E 66 17.11 26.29 29.57
N LYS E 67 16.46 25.55 30.46
CA LYS E 67 16.72 24.12 30.62
C LYS E 67 16.32 23.31 29.37
N ALA E 68 15.22 23.71 28.75
CA ALA E 68 14.74 23.03 27.54
C ALA E 68 15.76 23.15 26.42
N TRP E 69 16.29 24.36 26.22
CA TRP E 69 17.27 24.57 25.17
C TRP E 69 18.61 23.90 25.41
N ALA E 70 18.94 23.66 26.68
CA ALA E 70 20.18 22.97 27.04
C ALA E 70 20.01 21.52 26.61
N PHE E 71 18.81 20.99 26.81
CA PHE E 71 18.49 19.62 26.43
C PHE E 71 18.38 19.50 24.91
N LEU E 72 17.69 20.47 24.30
CA LEU E 72 17.50 20.46 22.86
C LEU E 72 18.79 20.63 22.05
N THR E 73 19.85 21.10 22.70
CA THR E 73 21.13 21.28 22.01
C THR E 73 22.23 20.38 22.61
N ARG E 74 21.82 19.40 23.41
CA ARG E 74 22.77 18.48 24.05
C ARG E 74 23.58 17.64 23.08
N GLY E 75 23.08 17.51 21.86
CA GLY E 75 23.76 16.72 20.85
C GLY E 75 25.16 17.20 20.51
N TYR E 76 25.37 18.50 20.55
CA TYR E 76 26.68 19.10 20.25
C TYR E 76 27.74 18.64 21.26
N ARG E 77 27.30 18.37 22.48
CA ARG E 77 28.18 17.98 23.56
C ARG E 77 28.36 16.49 23.80
N GLN E 78 27.79 15.65 22.94
CA GLN E 78 27.91 14.21 23.08
C GLN E 78 29.05 13.66 22.21
N ARG E 79 29.57 12.51 22.60
CA ARG E 79 30.64 11.86 21.86
C ARG E 79 30.15 10.53 21.31
N LEU E 80 30.37 10.31 20.02
CA LEU E 80 29.94 9.09 19.34
C LEU E 80 30.35 7.80 20.03
N GLU E 81 31.60 7.75 20.50
CA GLU E 81 32.12 6.57 21.18
C GLU E 81 31.37 6.28 22.47
N GLU E 82 30.97 7.34 23.19
CA GLU E 82 30.23 7.18 24.43
C GLU E 82 28.77 6.81 24.17
N VAL E 83 28.21 7.39 23.12
CA VAL E 83 26.82 7.14 22.73
C VAL E 83 26.63 5.66 22.35
N VAL E 84 27.59 5.12 21.61
CA VAL E 84 27.53 3.72 21.19
C VAL E 84 27.90 2.80 22.35
N GLY E 85 28.73 3.33 23.26
CA GLY E 85 29.20 2.56 24.39
C GLY E 85 30.12 1.53 23.78
N GLY E 86 29.81 0.26 24.00
CA GLY E 86 30.63 -0.80 23.44
C GLY E 86 29.71 -1.85 22.82
N ALA E 87 28.46 -1.44 22.58
CA ALA E 87 27.45 -2.33 22.02
C ALA E 87 27.60 -2.63 20.54
N VAL E 88 28.71 -3.28 20.21
CA VAL E 88 29.01 -3.70 18.85
C VAL E 88 29.29 -5.18 19.01
N PHE E 89 28.44 -6.00 18.40
CA PHE E 89 28.54 -7.45 18.50
C PHE E 89 28.91 -8.12 17.19
N PRO E 90 29.33 -9.39 17.25
CA PRO E 90 29.70 -10.15 16.04
C PRO E 90 28.45 -10.35 15.19
N ALA E 91 28.57 -10.14 13.89
CA ALA E 91 27.45 -10.31 12.98
C ALA E 91 26.92 -11.75 13.03
N GLU E 92 25.60 -11.89 13.01
CA GLU E 92 24.96 -13.21 13.05
C GLU E 92 24.66 -13.74 11.65
N GLY E 93 24.64 -12.83 10.68
CA GLY E 93 24.37 -13.20 9.30
C GLY E 93 24.87 -12.12 8.35
N SER E 94 24.55 -12.27 7.08
CA SER E 94 24.99 -11.31 6.07
C SER E 94 23.88 -10.42 5.53
N GLU E 95 22.64 -10.74 5.89
CA GLU E 95 21.49 -9.96 5.42
C GLU E 95 21.33 -8.58 6.04
N MET E 96 20.61 -7.74 5.32
CA MET E 96 20.33 -6.38 5.72
C MET E 96 19.52 -6.32 7.02
N VAL E 97 19.89 -5.37 7.87
CA VAL E 97 19.16 -5.13 9.12
C VAL E 97 18.49 -3.78 8.91
N VAL E 98 17.18 -3.69 9.17
CA VAL E 98 16.46 -2.43 9.00
C VAL E 98 15.81 -2.02 10.32
N VAL E 99 16.16 -0.84 10.80
CA VAL E 99 15.57 -0.29 12.02
C VAL E 99 14.74 0.89 11.55
N LYS E 100 13.42 0.71 11.49
CA LYS E 100 12.57 1.79 11.03
C LYS E 100 11.73 2.46 12.10
N GLY E 101 11.19 3.63 11.75
CA GLY E 101 10.33 4.35 12.68
C GLY E 101 10.97 4.94 13.92
N VAL E 102 12.25 5.29 13.88
CA VAL E 102 12.88 5.90 15.04
C VAL E 102 12.44 7.36 15.05
N GLU E 103 11.48 7.71 15.91
CA GLU E 103 11.00 9.09 15.95
C GLU E 103 12.12 10.03 16.36
N PHE E 104 12.10 11.24 15.78
CA PHE E 104 13.10 12.24 16.09
C PHE E 104 12.48 13.62 16.15
N TYR E 105 13.17 14.53 16.85
CA TYR E 105 12.75 15.92 16.98
C TYR E 105 14.01 16.76 16.87
N SER E 106 13.95 17.82 16.08
CA SER E 106 15.09 18.70 15.91
C SER E 106 14.60 20.14 15.79
N MET E 107 15.54 21.05 15.54
CA MET E 107 15.22 22.47 15.40
C MET E 107 15.87 22.96 14.12
N CYS E 108 15.11 23.63 13.25
CA CYS E 108 15.69 24.12 12.01
C CYS E 108 16.62 25.27 12.36
N GLU E 109 17.83 25.27 11.78
CA GLU E 109 18.79 26.33 12.08
C GLU E 109 18.35 27.68 11.53
N HIS E 110 17.41 27.66 10.60
CA HIS E 110 16.92 28.87 9.95
C HIS E 110 15.90 29.69 10.76
N HIS E 111 14.98 29.02 11.44
CA HIS E 111 13.95 29.71 12.21
C HIS E 111 13.90 29.35 13.68
N LEU E 112 14.70 28.37 14.08
CA LEU E 112 14.74 27.88 15.46
C LEU E 112 13.36 27.33 15.86
N LEU E 113 12.69 26.71 14.89
CA LEU E 113 11.39 26.08 15.12
C LEU E 113 11.56 24.58 14.90
N PRO E 114 10.79 23.77 15.64
CA PRO E 114 10.88 22.31 15.53
C PRO E 114 10.49 21.66 14.20
N PHE E 115 11.21 20.61 13.84
CA PHE E 115 10.87 19.80 12.68
C PHE E 115 11.05 18.39 13.22
N PHE E 116 10.09 17.53 12.93
CA PHE E 116 10.14 16.19 13.49
C PHE E 116 9.53 15.13 12.59
N GLY E 117 9.79 13.87 12.93
CA GLY E 117 9.25 12.78 12.13
C GLY E 117 9.89 11.48 12.51
N LYS E 118 10.37 10.76 11.51
CA LYS E 118 11.00 9.47 11.75
C LYS E 118 12.26 9.26 10.93
N VAL E 119 13.14 8.42 11.45
CA VAL E 119 14.38 8.06 10.77
C VAL E 119 14.34 6.56 10.57
N HIS E 120 14.68 6.13 9.35
CA HIS E 120 14.70 4.71 9.02
C HIS E 120 16.15 4.40 8.64
N ILE E 121 16.70 3.37 9.26
CA ILE E 121 18.08 2.98 9.01
C ILE E 121 18.21 1.55 8.47
N GLY E 122 19.09 1.38 7.49
CA GLY E 122 19.30 0.06 6.93
C GLY E 122 20.79 -0.15 6.70
N TYR E 123 21.27 -1.37 6.92
CA TYR E 123 22.68 -1.65 6.69
C TYR E 123 22.96 -3.13 6.51
N ILE E 124 24.09 -3.42 5.86
CA ILE E 124 24.55 -4.78 5.63
C ILE E 124 25.88 -4.83 6.36
N PRO E 125 25.97 -5.65 7.41
CA PRO E 125 27.17 -5.80 8.23
C PRO E 125 28.39 -6.35 7.49
N ASP E 126 29.55 -6.07 8.06
CA ASP E 126 30.82 -6.58 7.56
C ASP E 126 31.51 -7.09 8.81
N GLY E 127 30.90 -8.13 9.39
CA GLY E 127 31.45 -8.74 10.60
C GLY E 127 31.00 -8.13 11.92
N LYS E 128 30.31 -6.98 11.88
CA LYS E 128 29.86 -6.34 13.13
C LYS E 128 28.46 -5.71 13.04
N ILE E 129 27.66 -5.95 14.08
CA ILE E 129 26.32 -5.37 14.17
C ILE E 129 26.25 -4.46 15.39
N LEU E 130 25.35 -3.49 15.34
CA LEU E 130 25.18 -2.54 16.44
C LEU E 130 23.97 -2.88 17.29
N GLY E 131 24.06 -2.57 18.59
CA GLY E 131 22.94 -2.79 19.49
C GLY E 131 21.84 -1.89 18.96
N LEU E 132 20.64 -2.45 18.78
CA LEU E 132 19.52 -1.70 18.22
C LEU E 132 19.26 -0.31 18.77
N SER E 133 19.27 -0.19 20.09
CA SER E 133 19.02 1.10 20.74
C SER E 133 20.06 2.16 20.44
N LYS E 134 21.28 1.75 20.08
CA LYS E 134 22.32 2.72 19.79
C LYS E 134 22.02 3.52 18.54
N PHE E 135 21.18 2.97 17.66
CA PHE E 135 20.79 3.68 16.44
C PHE E 135 19.97 4.89 16.84
N ALA E 136 19.10 4.70 17.82
CA ALA E 136 18.26 5.77 18.33
C ALA E 136 19.11 6.81 19.07
N ARG E 137 20.14 6.35 19.78
CA ARG E 137 21.01 7.28 20.49
C ARG E 137 21.81 8.13 19.52
N ILE E 138 22.17 7.56 18.38
CA ILE E 138 22.90 8.27 17.35
C ILE E 138 21.97 9.31 16.72
N VAL E 139 20.72 8.89 16.45
CA VAL E 139 19.73 9.79 15.87
C VAL E 139 19.58 11.01 16.78
N ASP E 140 19.39 10.77 18.08
CA ASP E 140 19.24 11.85 19.05
C ASP E 140 20.45 12.76 19.14
N MET E 141 21.65 12.19 18.99
CA MET E 141 22.88 12.97 19.06
C MET E 141 22.94 14.05 17.99
N PHE E 142 22.47 13.72 16.80
CA PHE E 142 22.50 14.67 15.70
C PHE E 142 21.24 15.50 15.56
N ALA E 143 20.13 14.99 16.09
CA ALA E 143 18.85 15.70 16.03
C ALA E 143 18.77 16.81 17.07
N ARG E 144 19.36 16.57 18.23
CA ARG E 144 19.34 17.57 19.30
C ARG E 144 20.43 18.61 19.07
N ARG E 145 20.26 19.33 17.96
CA ARG E 145 21.15 20.38 17.49
C ARG E 145 20.31 21.26 16.59
N LEU E 146 20.90 22.34 16.09
CA LEU E 146 20.21 23.20 15.13
C LEU E 146 20.55 22.45 13.83
N GLN E 147 19.55 22.13 13.04
CA GLN E 147 19.79 21.34 11.84
C GLN E 147 19.13 21.80 10.53
N VAL E 148 19.47 21.02 9.50
CA VAL E 148 18.97 21.13 8.13
C VAL E 148 18.68 19.64 7.91
N GLN E 149 17.45 19.28 7.54
CA GLN E 149 17.11 17.86 7.36
C GLN E 149 18.06 17.09 6.44
N GLU E 150 18.58 17.77 5.41
CA GLU E 150 19.50 17.17 4.46
C GLU E 150 20.80 16.75 5.15
N ARG E 151 21.25 17.57 6.10
CA ARG E 151 22.48 17.30 6.84
C ARG E 151 22.27 16.17 7.85
N LEU E 152 21.13 16.19 8.53
CA LEU E 152 20.79 15.20 9.54
C LEU E 152 20.92 13.76 9.02
N ALA E 153 20.42 13.53 7.81
CA ALA E 153 20.47 12.21 7.19
C ALA E 153 21.91 11.76 6.96
N VAL E 154 22.72 12.66 6.41
CA VAL E 154 24.13 12.40 6.13
C VAL E 154 24.94 12.12 7.40
N GLN E 155 24.78 12.97 8.41
CA GLN E 155 25.53 12.80 9.65
C GLN E 155 25.21 11.49 10.36
N ILE E 156 23.95 11.07 10.35
CA ILE E 156 23.56 9.81 10.98
C ILE E 156 24.21 8.65 10.23
N ALA E 157 24.11 8.68 8.91
CA ALA E 157 24.69 7.63 8.07
C ALA E 157 26.20 7.52 8.27
N GLU E 158 26.88 8.66 8.30
CA GLU E 158 28.34 8.69 8.48
C GLU E 158 28.76 8.20 9.85
N ALA E 159 27.92 8.43 10.86
CA ALA E 159 28.22 7.99 12.21
C ALA E 159 28.15 6.47 12.28
N ILE E 160 27.11 5.90 11.66
CA ILE E 160 26.94 4.45 11.65
C ILE E 160 28.08 3.81 10.85
N GLN E 161 28.50 4.50 9.80
CA GLN E 161 29.59 4.04 8.94
C GLN E 161 30.90 3.95 9.75
N GLU E 162 31.15 4.99 10.54
CA GLU E 162 32.36 5.07 11.35
C GLU E 162 32.40 4.02 12.47
N VAL E 163 31.23 3.74 13.04
CA VAL E 163 31.12 2.77 14.13
C VAL E 163 31.19 1.30 13.72
N LEU E 164 30.54 0.96 12.61
CA LEU E 164 30.51 -0.43 12.16
C LEU E 164 31.32 -0.80 10.94
N GLU E 165 31.68 0.19 10.12
CA GLU E 165 32.42 -0.07 8.88
C GLU E 165 31.69 -1.20 8.15
N PRO E 166 30.37 -1.06 7.95
CA PRO E 166 29.59 -2.09 7.27
C PRO E 166 29.79 -2.05 5.76
N GLN E 167 29.21 -3.02 5.07
CA GLN E 167 29.33 -3.07 3.61
C GLN E 167 28.61 -1.85 3.04
N GLY E 168 27.55 -1.42 3.73
CA GLY E 168 26.78 -0.27 3.30
C GLY E 168 25.80 0.16 4.37
N VAL E 169 25.36 1.42 4.27
CA VAL E 169 24.39 1.99 5.22
C VAL E 169 23.47 2.91 4.42
N GLY E 170 22.20 2.94 4.81
CA GLY E 170 21.24 3.82 4.17
C GLY E 170 20.39 4.42 5.27
N VAL E 171 20.19 5.74 5.21
CA VAL E 171 19.39 6.44 6.21
C VAL E 171 18.38 7.33 5.50
N VAL E 172 17.12 7.21 5.90
CA VAL E 172 16.05 8.02 5.32
C VAL E 172 15.40 8.80 6.46
N VAL E 173 15.27 10.11 6.29
CA VAL E 173 14.64 10.95 7.30
C VAL E 173 13.39 11.54 6.67
N GLU E 174 12.26 11.43 7.36
CA GLU E 174 11.02 11.99 6.83
C GLU E 174 10.45 12.86 7.95
N GLY E 175 10.24 14.14 7.66
CA GLY E 175 9.73 15.01 8.70
C GLY E 175 8.82 16.14 8.25
N VAL E 176 8.14 16.70 9.24
CA VAL E 176 7.25 17.83 9.02
C VAL E 176 7.96 19.01 9.66
N HIS E 177 7.83 20.18 9.03
CA HIS E 177 8.52 21.37 9.52
C HIS E 177 7.56 22.45 9.97
N LEU E 178 7.57 22.74 11.27
CA LEU E 178 6.68 23.76 11.79
C LEU E 178 6.89 25.15 11.17
N CYS E 179 8.10 25.42 10.68
CA CYS E 179 8.37 26.72 10.07
C CYS E 179 7.60 26.87 8.74
N MET E 180 7.13 25.74 8.21
CA MET E 180 6.34 25.75 6.97
C MET E 180 4.85 25.67 7.29
N MET E 181 4.52 25.15 8.48
CA MET E 181 3.14 24.95 8.90
C MET E 181 2.47 26.00 9.77
N MET E 182 3.20 26.52 10.76
CA MET E 182 2.64 27.52 11.67
C MET E 182 2.94 28.97 11.31
N ARG E 183 3.65 29.17 10.21
CA ARG E 183 4.01 30.50 9.74
C ARG E 183 4.45 30.42 8.27
N GLY E 184 4.82 31.57 7.71
CA GLY E 184 5.28 31.61 6.32
C GLY E 184 4.23 31.12 5.33
N VAL E 185 4.58 30.09 4.57
CA VAL E 185 3.66 29.52 3.56
C VAL E 185 2.43 28.86 4.20
N GLU E 186 2.58 28.43 5.45
CA GLU E 186 1.49 27.79 6.19
C GLU E 186 0.83 26.61 5.48
N LYS E 187 1.65 25.78 4.83
CA LYS E 187 1.15 24.59 4.16
C LYS E 187 0.94 23.54 5.24
N GLN E 188 -0.15 22.79 5.14
CA GLN E 188 -0.51 21.79 6.12
C GLN E 188 -0.26 20.32 5.79
N HIS E 189 -0.26 19.95 4.52
CA HIS E 189 -0.10 18.55 4.13
C HIS E 189 1.29 18.08 3.73
N SER E 190 2.26 18.98 3.80
CA SER E 190 3.61 18.63 3.36
C SER E 190 4.53 17.94 4.35
N ARG E 191 5.40 17.09 3.81
CA ARG E 191 6.42 16.39 4.60
C ARG E 191 7.60 16.18 3.67
N THR E 192 8.79 16.24 4.23
CA THR E 192 10.01 16.12 3.45
C THR E 192 10.81 14.87 3.72
N VAL E 193 11.39 14.33 2.66
CA VAL E 193 12.20 13.12 2.77
C VAL E 193 13.60 13.46 2.28
N THR E 194 14.59 13.09 3.09
CA THR E 194 15.99 13.27 2.75
C THR E 194 16.65 11.93 3.06
N SER E 195 17.81 11.67 2.48
CA SER E 195 18.47 10.42 2.74
C SER E 195 19.95 10.50 2.47
N ALA E 196 20.64 9.41 2.81
CA ALA E 196 22.07 9.29 2.60
C ALA E 196 22.31 7.81 2.37
N MET E 197 23.06 7.49 1.32
CA MET E 197 23.36 6.11 0.97
C MET E 197 24.87 5.95 0.87
N LEU E 198 25.41 5.00 1.64
CA LEU E 198 26.85 4.77 1.65
C LEU E 198 27.18 3.31 1.32
N GLY E 199 28.38 3.10 0.78
CA GLY E 199 28.80 1.75 0.43
C GLY E 199 27.89 1.08 -0.57
N VAL E 200 27.57 -0.19 -0.33
CA VAL E 200 26.72 -0.93 -1.24
C VAL E 200 25.32 -0.35 -1.42
N PHE E 201 24.87 0.49 -0.48
CA PHE E 201 23.54 1.11 -0.60
C PHE E 201 23.55 2.18 -1.68
N ARG E 202 24.73 2.72 -1.97
CA ARG E 202 24.88 3.73 -3.01
C ARG E 202 25.20 3.05 -4.33
N GLU E 203 26.09 2.05 -4.26
CA GLU E 203 26.55 1.32 -5.43
C GLU E 203 25.62 0.27 -6.03
N ASN E 204 24.87 -0.41 -5.17
CA ASN E 204 23.97 -1.49 -5.62
C ASN E 204 22.51 -1.00 -5.66
N GLN E 205 22.01 -0.79 -6.87
CA GLN E 205 20.63 -0.32 -7.07
C GLN E 205 19.59 -1.26 -6.44
N LYS E 206 19.81 -2.56 -6.57
CA LYS E 206 18.90 -3.56 -6.03
C LYS E 206 18.89 -3.53 -4.49
N THR E 207 20.05 -3.31 -3.89
CA THR E 207 20.16 -3.24 -2.44
C THR E 207 19.39 -2.03 -1.92
N ARG E 208 19.56 -0.89 -2.61
CA ARG E 208 18.88 0.33 -2.23
C ARG E 208 17.37 0.16 -2.36
N GLU E 209 16.95 -0.39 -3.49
CA GLU E 209 15.53 -0.62 -3.75
C GLU E 209 14.92 -1.55 -2.69
N GLU E 210 15.67 -2.58 -2.31
CA GLU E 210 15.20 -3.52 -1.30
C GLU E 210 15.01 -2.82 0.04
N PHE E 211 15.94 -1.93 0.40
CA PHE E 211 15.87 -1.17 1.65
C PHE E 211 14.65 -0.25 1.62
N LEU E 212 14.49 0.51 0.53
CA LEU E 212 13.36 1.42 0.41
C LEU E 212 12.01 0.70 0.38
N SER E 213 11.98 -0.49 -0.21
CA SER E 213 10.76 -1.29 -0.28
C SER E 213 10.32 -1.73 1.11
N HIS E 214 11.29 -2.02 1.98
CA HIS E 214 11.00 -2.43 3.35
C HIS E 214 10.30 -1.31 4.13
N LEU E 215 10.52 -0.08 3.70
CA LEU E 215 9.93 1.09 4.37
C LEU E 215 8.52 1.39 3.89
N ARG E 216 8.13 0.76 2.78
CA ARG E 216 6.82 0.96 2.19
C ARG E 216 5.82 -0.02 2.80
ZN ZN F . -12.44 23.07 -16.38
PG 8DG G . -17.47 19.45 -20.55
O1G 8DG G . -18.93 19.66 -20.35
O2G 8DG G . -17.13 18.06 -21.00
O3G 8DG G . -16.71 19.78 -19.26
O3B 8DG G . -16.98 20.44 -21.72
PB 8DG G . -17.46 21.94 -22.07
O1B 8DG G . -17.57 22.74 -20.84
O2B 8DG G . -18.72 21.90 -22.85
O3A 8DG G . -16.29 22.53 -22.96
PA 8DG G . -15.20 21.91 -23.99
O1A 8DG G . -14.51 23.06 -24.65
O2A 8DG G . -15.93 20.99 -24.92
O5' 8DG G . -14.25 21.13 -23.00
C5' 8DG G . -13.36 21.79 -22.09
C4' 8DG G . -12.38 20.77 -21.57
O4' 8DG G . -11.33 21.33 -20.74
C3' 8DG G . -13.01 19.65 -20.71
O3' 8DG G . -12.90 18.39 -21.38
C2' 8DG G . -12.23 19.70 -19.43
C1' 8DG G . -10.94 20.25 -19.93
N9 8DG G . -10.01 20.70 -18.89
C8 8DG G . -10.23 21.54 -17.82
N7 8DG G . -9.17 21.70 -17.07
C5 8DG G . -8.19 20.91 -17.67
C6 8DG G . -6.84 20.65 -17.32
O6 8DG G . -6.18 21.08 -16.37
N1 8DG G . -6.21 19.79 -18.23
C2 8DG G . -6.84 19.23 -19.33
N2 8DG G . -6.09 18.43 -20.09
N3 8DG G . -8.10 19.45 -19.66
C4 8DG G . -8.72 20.30 -18.79
O8 8DG G . -11.34 22.06 -17.67
PG 8DG H . 9.85 31.57 4.59
O1G 8DG H . 9.56 31.14 3.17
O2G 8DG H . 9.82 30.43 5.57
O3G 8DG H . 8.83 32.63 5.00
O3B 8DG H . 11.32 32.17 4.62
PB 8DG H . 11.94 33.27 5.64
O1B 8DG H . 11.62 32.93 7.03
O2B 8DG H . 11.48 34.63 5.26
O3A 8DG H . 13.50 33.14 5.43
PA 8DG H . 14.45 32.77 4.18
O1A 8DG H . 15.86 33.03 4.60
O2A 8DG H . 13.97 33.54 2.99
O5' 8DG H . 14.17 31.22 4.03
C5' 8DG H . 14.71 30.24 4.94
C4' 8DG H . 14.47 28.89 4.33
O4' 8DG H . 15.01 27.80 5.14
C3' 8DG H . 12.98 28.53 4.13
O3' 8DG H . 12.66 28.50 2.75
C2' 8DG H . 12.83 27.20 4.80
C1' 8DG H . 14.24 26.70 4.75
N9 8DG H . 14.51 25.54 5.60
C8 8DG H . 14.24 25.38 6.95
N7 8DG H . 14.60 24.21 7.40
C5 8DG H . 15.14 23.56 6.29
C6 8DG H . 15.69 22.26 6.15
O6 8DG H . 15.83 21.37 6.99
N1 8DG H . 16.14 22.03 4.84
C2 8DG H . 16.04 22.96 3.81
N2 8DG H . 16.52 22.56 2.62
N3 8DG H . 15.52 24.15 3.94
C4 8DG H . 15.09 24.39 5.20
O8 8DG H . 13.71 26.28 7.59
ZN ZN I . -23.18 -11.45 -16.82
ZN ZN J . -4.77 -29.34 8.84
PG 8DG K . -23.30 -18.61 -14.65
O1G 8DG K . -23.18 -17.13 -14.41
O2G 8DG K . -24.45 -19.24 -13.91
O3G 8DG K . -22.00 -19.30 -14.24
O3B 8DG K . -23.53 -18.82 -16.22
PB 8DG K . -24.94 -18.91 -17.01
O1B 8DG K . -25.80 -17.78 -16.64
O2B 8DG K . -25.57 -20.22 -16.77
O3A 8DG K . -24.53 -18.76 -18.54
PA 8DG K . -23.25 -19.21 -19.43
O1A 8DG K . -23.57 -18.94 -20.87
O2A 8DG K . -22.94 -20.62 -19.10
O5' 8DG K . -22.14 -18.21 -18.88
C5' 8DG K . -22.10 -16.82 -19.22
C4' 8DG K . -20.77 -16.29 -18.77
O4' 8DG K . -20.59 -14.88 -19.11
C3' 8DG K . -20.52 -16.35 -17.25
O3' 8DG K . -19.53 -17.35 -16.95
C2' 8DG K . -20.09 -14.96 -16.87
C1' 8DG K . -19.62 -14.44 -18.19
N9 8DG K . -19.47 -12.98 -18.28
C8 8DG K . -20.40 -11.98 -17.99
N7 8DG K . -19.93 -10.78 -18.17
C5 8DG K . -18.62 -10.98 -18.60
C6 8DG K . -17.57 -10.05 -18.94
O6 8DG K . -17.59 -8.81 -18.94
N1 8DG K . -16.39 -10.71 -19.33
C2 8DG K . -16.25 -12.09 -19.36
N2 8DG K . -15.05 -12.53 -19.77
N3 8DG K . -17.19 -12.94 -19.04
C4 8DG K . -18.34 -12.32 -18.66
O8 8DG K . -21.53 -12.29 -17.62
ZN ZN L . 17.53 -5.62 25.00
PG 8DG M . 0.06 -30.11 14.44
O1G 8DG M . 1.40 -29.42 14.43
O2G 8DG M . -1.01 -29.37 13.69
O3G 8DG M . -0.38 -30.32 15.89
O3B 8DG M . 0.25 -31.52 13.71
PB 8DG M . -0.48 -32.91 14.03
O1B 8DG M . -1.95 -32.70 14.11
O2B 8DG M . 0.07 -33.50 15.26
O3A 8DG M . -0.17 -33.81 12.75
PA 8DG M . 1.13 -34.08 11.83
O1A 8DG M . 0.88 -35.30 11.02
O2A 8DG M . 2.32 -34.15 12.74
O5' 8DG M . 1.15 -32.77 10.93
C5' 8DG M . 0.26 -32.54 9.83
C4' 8DG M . 0.66 -31.26 9.16
O4' 8DG M . -0.15 -30.93 8.00
C3' 8DG M . 0.57 -30.01 10.07
O3' 8DG M . 1.88 -29.58 10.46
C2' 8DG M . -0.16 -28.99 9.25
C1' 8DG M . 0.00 -29.53 7.85
N9 8DG M . -0.97 -29.04 6.86
C8 8DG M . -2.35 -28.95 6.98
N7 8DG M . -2.92 -28.45 5.92
C5 8DG M . -1.86 -28.20 5.04
C6 8DG M . -1.84 -27.66 3.72
O6 8DG M . -2.77 -27.27 3.02
N1 8DG M . -0.54 -27.58 3.21
C2 8DG M . 0.59 -27.99 3.90
N2 8DG M . 1.76 -27.85 3.25
N3 8DG M . 0.58 -28.49 5.11
C4 8DG M . -0.67 -28.57 5.63
O8 8DG M . -2.92 -29.31 8.01
PG 8DG N . 20.72 0.97 26.18
O1G 8DG N . 20.39 1.82 27.37
O2G 8DG N . 21.05 1.78 24.95
O3G 8DG N . 19.55 0.05 25.87
O3B 8DG N . 22.01 0.10 26.53
PB 8DG N . 22.45 -0.56 27.94
O1B 8DG N . 21.29 -1.21 28.58
O2B 8DG N . 23.09 0.45 28.81
O3A 8DG N . 23.49 -1.68 27.51
PA 8DG N . 24.60 -1.80 26.34
O1A 8DG N . 25.45 -2.99 26.65
O2A 8DG N . 25.30 -0.49 26.24
O5' 8DG N . 23.69 -2.07 25.07
C5' 8DG N . 23.02 -3.32 24.83
C4' 8DG N . 22.51 -3.30 23.41
O4' 8DG N . 21.82 -4.52 23.05
C3' 8DG N . 21.49 -2.17 23.13
O3' 8DG N . 22.08 -1.16 22.31
C2' 8DG N . 20.33 -2.87 22.47
C1' 8DG N . 20.99 -4.13 21.99
N9 8DG N . 20.08 -5.22 21.63
C8 8DG N . 19.10 -5.82 22.40
N7 8DG N . 18.45 -6.76 21.76
C5 8DG N . 19.05 -6.77 20.49
C6 8DG N . 18.78 -7.58 19.35
O6 8DG N . 17.95 -8.47 19.17
N1 8DG N . 19.64 -7.25 18.28
C2 8DG N . 20.63 -6.27 18.34
N2 8DG N . 21.35 -6.11 17.23
N3 8DG N . 20.86 -5.53 19.40
C4 8DG N . 20.05 -5.83 20.44
O8 8DG N . 18.91 -5.45 23.56
ZN ZN O . 12.77 26.71 9.32
#